data_9RQI
#
_entry.id   9RQI
#
loop_
_entity.id
_entity.type
_entity.pdbx_description
1 polymer 'LPS-assembly protein LptD'
2 polymer 'LPS-assembly lipoprotein LptE'
3 polymer 'Tail fiber protein'
#
loop_
_entity_poly.entity_id
_entity_poly.type
_entity_poly.pdbx_seq_one_letter_code
_entity_poly.pdbx_strand_id
1 'polypeptide(L)'
;MEKRIPTLLATMIATALYSQQGLAADLASQCMLGVPSYDRPLVQGDTNDLPVTINADHAKGDYPDDAVFTGSVDIMQGNS
RLQADEVQLHQKEAPGQPEPVRTVDALGNVHYDDNQVILKGPKGWANLNTKDTNVWEGDYQMVGRQGRGKADLMKQRGEN
RYTILDNGSFTSCLPGSDTWSVVGSEIIHDREEQVAEIWNARFKVGPVPIFYSPYLQLPVGDKRRSGFLIPNAKYTTTNY
FEFYLPYYWNIAPNMDATITPHYMHRRGNIMWENEFRYLSQAGAGLMELDYLPSDKVYEDEHPNDDSSRRWLFYWNHSGV
MDQVWRFNVDYTKVSDPSYFNDFDNKYGSSTDGYATQKFSVGYAVQNFNATVSTKQFQVFSEQNTSSYSAEPQLDVNYYQ
NDVGPFDTRIYGQAVHFVNTRDDMPEATRVHLEPTINLPLSNNWGSINTEAKFLATHYQQTNLDWYNSRNTTKLDESVNR
VMPQFKVDGKMVFERDMEMLAPGYTQTLEPRAQYLYVPYRDQSDIYNYDSSLLQSDYSGLFRDRTYGGLDRIASANQVTT
GVTSRIYDDAAVERFNISVGQIYYFTESRTGDDNITWENDDKTGSLVWAGDTYWRISERWGLRGGIQYDTRLDNVATSNS
SIEYRRDEDRLVQLNYHYASPEYIQATLPKYYSTAEQYKNGISQVGAVASRPIADRWSIVGAYYYDTNANKQADSMLGVQ
YSSCCYAIRVGYERKLNGWDNDKQHAVYDNAIGFNIELRGLSSNYGLGTQEMLRSNILPYQNTL
;
A
2 'polypeptide(L)'
;MRYLATLLLSLAVLITAGCGWHLRDTTQVPSTMKVMILDSGDPNGPLSRAVRNQLRLNGVELLDKETTRKDVPSLRLGKV
SIAKDTASVFRNGQTAEYQMIMTVNATVLIPGRDIYPISAKVFRSFFDNPQMALAKDNEQDMIVKEMYDRAAEQLIRKLP
SIRAADIRSDEEQTSTTTDTPATPARVSTMLGNENLYFQ
;
B
3 'polypeptide(L)'
;MGAGILIDYNDGRPRMEITAGLRAPSYCTSFNQRAQSNKTLTINTPLTAGSQVVVALTRPVEVIEVFDQTLVIPDPFYVT
SVTRNGNSGITLRGDDAYGAYSGLPQWAGVIMEVLPVGSRNAGLLVANSTDFTAISNVAKLMTCRYAKRVRVNGSMALPV
SGVPFARWDDGNVSVGFDGGSIIVRNASYGGIDDVAASVDMDLVIFNNTPPTPGTGITMTNNQNQVTFSTVNKPFVYDRT
INIGTSDQNIGNSLIQLSYTGALIQNNGGYNHVRMNGIRMAGNNVRVAKNRVIGNYSRQQFQMPGKNIAVPTPLLVIPNM
YHHHHHH
;
C
#
# COMPACT_ATOMS: atom_id res chain seq x y z
N GLU A 197 11.18 -24.15 9.50
CA GLU A 197 11.89 -24.17 10.77
C GLU A 197 10.97 -23.78 11.93
N ILE A 198 9.92 -23.01 11.62
CA ILE A 198 8.95 -22.55 12.60
C ILE A 198 7.61 -23.22 12.30
N TRP A 199 7.01 -23.83 13.32
CA TRP A 199 5.77 -24.56 13.17
C TRP A 199 4.66 -23.90 13.99
N ASN A 200 3.43 -24.01 13.48
CA ASN A 200 2.26 -23.48 14.15
C ASN A 200 1.11 -24.45 13.98
N ALA A 201 0.08 -24.26 14.81
CA ALA A 201 -1.11 -25.10 14.75
C ALA A 201 -2.32 -24.27 15.10
N ARG A 202 -3.49 -24.72 14.65
CA ARG A 202 -4.75 -24.06 14.94
C ARG A 202 -5.84 -25.10 15.09
N PHE A 203 -6.74 -24.89 16.04
CA PHE A 203 -7.84 -25.81 16.32
C PHE A 203 -9.08 -24.98 16.58
N LYS A 204 -9.98 -24.92 15.60
CA LYS A 204 -11.21 -24.14 15.71
C LYS A 204 -12.42 -25.05 15.62
N VAL A 205 -13.35 -24.90 16.55
CA VAL A 205 -14.62 -25.60 16.53
C VAL A 205 -15.72 -24.59 16.80
N GLY A 206 -16.77 -24.61 15.97
CA GLY A 206 -17.85 -23.62 16.15
C GLY A 206 -18.90 -23.73 15.06
N PRO A 207 -19.92 -22.86 15.06
CA PRO A 207 -20.94 -22.90 14.03
C PRO A 207 -20.45 -22.29 12.74
N VAL A 208 -21.11 -22.64 11.62
CA VAL A 208 -20.73 -22.04 10.30
C VAL A 208 -20.94 -20.52 10.41
N PRO A 209 -19.91 -19.70 10.13
CA PRO A 209 -20.06 -18.26 10.29
C PRO A 209 -21.03 -17.66 9.28
N ILE A 210 -22.18 -17.18 9.77
CA ILE A 210 -23.16 -16.52 8.86
C ILE A 210 -23.11 -15.00 9.10
N PHE A 211 -23.25 -14.20 8.04
CA PHE A 211 -23.17 -12.72 8.18
C PHE A 211 -24.54 -12.14 7.84
N TYR A 212 -24.88 -10.98 8.42
CA TYR A 212 -26.21 -10.42 8.23
C TYR A 212 -26.16 -8.93 7.91
N SER A 213 -25.02 -8.46 7.37
CA SER A 213 -24.79 -7.09 6.93
C SER A 213 -24.75 -6.12 8.12
N PRO A 214 -24.01 -5.01 8.01
CA PRO A 214 -23.99 -4.04 9.12
C PRO A 214 -25.25 -3.22 9.25
N TYR A 215 -26.08 -3.14 8.21
CA TYR A 215 -27.29 -2.34 8.22
C TYR A 215 -28.51 -3.25 8.28
N LEU A 216 -29.44 -2.92 9.17
CA LEU A 216 -30.65 -3.72 9.35
C LEU A 216 -31.49 -3.66 8.08
N GLN A 217 -32.13 -4.80 7.75
CA GLN A 217 -32.93 -4.92 6.54
C GLN A 217 -34.39 -5.19 6.87
N LEU A 218 -34.92 -4.45 7.86
CA LEU A 218 -36.28 -4.53 8.35
C LEU A 218 -36.50 -5.83 9.11
N PRO A 219 -37.38 -5.85 10.13
CA PRO A 219 -37.62 -7.10 10.87
C PRO A 219 -38.14 -8.21 9.98
N VAL A 220 -37.37 -9.28 9.85
CA VAL A 220 -37.74 -10.42 9.01
C VAL A 220 -38.06 -11.62 9.90
N GLY A 221 -39.34 -11.91 10.08
CA GLY A 221 -39.77 -13.02 10.90
C GLY A 221 -39.29 -12.90 12.34
N ASP A 222 -39.36 -11.69 12.88
CA ASP A 222 -38.87 -11.40 14.23
C ASP A 222 -37.39 -11.78 14.36
N LYS A 223 -36.64 -11.59 13.27
CA LYS A 223 -35.23 -11.95 13.19
C LYS A 223 -35.03 -13.39 13.64
N ARG A 224 -34.58 -13.59 14.89
CA ARG A 224 -34.42 -14.94 15.39
C ARG A 224 -34.83 -15.10 16.85
N ARG A 225 -35.41 -14.07 17.48
CA ARG A 225 -35.85 -14.11 18.88
C ARG A 225 -34.64 -14.15 19.82
N SER A 226 -34.77 -13.52 20.99
CA SER A 226 -33.67 -13.43 21.93
C SER A 226 -33.23 -14.81 22.40
N GLY A 227 -31.94 -14.98 22.59
CA GLY A 227 -31.40 -16.22 23.09
C GLY A 227 -29.93 -16.38 22.74
N PHE A 228 -29.29 -17.31 23.44
CA PHE A 228 -27.89 -17.61 23.20
C PHE A 228 -27.70 -18.26 21.83
N LEU A 229 -26.52 -18.05 21.27
CA LEU A 229 -26.12 -18.73 20.04
C LEU A 229 -25.11 -19.82 20.35
N ILE A 230 -24.65 -20.49 19.30
CA ILE A 230 -23.70 -21.58 19.45
C ILE A 230 -22.32 -21.01 19.73
N PRO A 231 -21.71 -21.33 20.86
CA PRO A 231 -20.39 -20.78 21.17
C PRO A 231 -19.30 -21.35 20.28
N ASN A 232 -18.24 -20.57 20.11
CA ASN A 232 -17.05 -21.00 19.39
C ASN A 232 -15.91 -21.27 20.36
N ALA A 233 -14.84 -21.85 19.82
CA ALA A 233 -13.63 -22.09 20.58
C ALA A 233 -12.45 -22.05 19.63
N LYS A 234 -11.27 -21.81 20.19
CA LYS A 234 -10.07 -21.70 19.36
C LYS A 234 -8.86 -21.97 20.23
N TYR A 235 -7.91 -22.73 19.69
CA TYR A 235 -6.62 -22.92 20.33
C TYR A 235 -5.54 -22.70 19.29
N THR A 236 -4.50 -21.97 19.67
CA THR A 236 -3.38 -21.66 18.79
C THR A 236 -2.08 -21.84 19.56
N THR A 237 -1.01 -22.12 18.81
CA THR A 237 0.31 -22.27 19.42
C THR A 237 0.88 -20.95 19.91
N THR A 238 0.25 -19.82 19.58
CA THR A 238 0.72 -18.50 19.99
C THR A 238 -0.18 -17.87 21.04
N ASN A 239 -1.49 -17.80 20.81
CA ASN A 239 -2.41 -17.14 21.71
C ASN A 239 -3.15 -18.10 22.64
N TYR A 240 -2.87 -19.39 22.56
CA TYR A 240 -3.43 -20.40 23.47
C TYR A 240 -4.95 -20.42 23.32
N PHE A 241 -5.65 -20.74 24.41
CA PHE A 241 -7.08 -21.01 24.36
C PHE A 241 -7.91 -19.73 24.36
N GLU A 242 -8.95 -19.72 23.53
CA GLU A 242 -9.89 -18.61 23.48
C GLU A 242 -11.31 -19.15 23.38
N PHE A 243 -12.26 -18.41 23.93
CA PHE A 243 -13.65 -18.85 23.99
C PHE A 243 -14.58 -17.68 23.70
N TYR A 244 -15.65 -17.95 22.97
CA TYR A 244 -16.67 -16.97 22.65
C TYR A 244 -18.03 -17.49 23.09
N LEU A 245 -18.84 -16.61 23.67
CA LEU A 245 -20.19 -16.96 24.12
C LEU A 245 -21.17 -15.89 23.68
N PRO A 246 -21.52 -15.86 22.39
CA PRO A 246 -22.41 -14.81 21.89
C PRO A 246 -23.81 -14.92 22.47
N TYR A 247 -24.45 -13.77 22.64
CA TYR A 247 -25.84 -13.70 23.08
C TYR A 247 -26.58 -12.70 22.22
N TYR A 248 -27.74 -13.09 21.70
CA TYR A 248 -28.53 -12.25 20.82
C TYR A 248 -29.70 -11.66 21.58
N TRP A 249 -29.92 -10.35 21.42
CA TRP A 249 -31.00 -9.65 22.09
C TRP A 249 -31.85 -8.94 21.04
N ASN A 250 -33.15 -9.18 21.08
CA ASN A 250 -34.11 -8.57 20.16
C ASN A 250 -34.84 -7.47 20.91
N ILE A 251 -34.26 -6.27 20.92
CA ILE A 251 -34.82 -5.17 21.69
C ILE A 251 -36.12 -4.68 21.07
N ALA A 252 -36.16 -4.57 19.76
CA ALA A 252 -37.30 -3.98 19.06
C ALA A 252 -37.27 -4.47 17.62
N PRO A 253 -38.37 -4.27 16.87
CA PRO A 253 -38.33 -4.65 15.44
C PRO A 253 -37.25 -3.94 14.66
N ASN A 254 -36.88 -2.72 15.05
CA ASN A 254 -35.85 -1.97 14.34
C ASN A 254 -34.52 -1.91 15.08
N MET A 255 -34.41 -2.52 16.26
CA MET A 255 -33.19 -2.46 17.05
C MET A 255 -32.90 -3.84 17.64
N ASP A 256 -31.67 -4.32 17.44
CA ASP A 256 -31.21 -5.55 18.07
C ASP A 256 -29.75 -5.36 18.48
N ALA A 257 -29.29 -6.25 19.36
CA ALA A 257 -27.94 -6.14 19.90
C ALA A 257 -27.37 -7.54 20.10
N THR A 258 -26.04 -7.61 20.16
CA THR A 258 -25.34 -8.86 20.40
C THR A 258 -24.22 -8.62 21.40
N ILE A 259 -24.17 -9.43 22.44
CA ILE A 259 -23.14 -9.35 23.47
C ILE A 259 -22.33 -10.65 23.44
N THR A 260 -21.02 -10.52 23.24
CA THR A 260 -20.14 -11.67 23.04
C THR A 260 -18.94 -11.56 23.96
N PRO A 261 -19.05 -12.05 25.20
CA PRO A 261 -17.87 -12.08 26.07
C PRO A 261 -16.79 -13.02 25.53
N HIS A 262 -15.67 -12.45 25.11
CA HIS A 262 -14.57 -13.20 24.54
C HIS A 262 -13.49 -13.38 25.60
N TYR A 263 -13.20 -14.64 25.94
CA TYR A 263 -12.22 -14.95 26.97
C TYR A 263 -10.90 -15.31 26.33
N MET A 264 -9.85 -14.59 26.69
CA MET A 264 -8.51 -14.84 26.17
C MET A 264 -7.62 -15.29 27.32
N HIS A 265 -6.99 -16.46 27.16
CA HIS A 265 -6.24 -17.04 28.26
C HIS A 265 -4.92 -16.32 28.49
N ARG A 266 -4.21 -15.97 27.41
CA ARG A 266 -2.91 -15.34 27.57
C ARG A 266 -3.02 -13.99 28.27
N ARG A 267 -4.02 -13.19 27.90
CA ARG A 267 -4.23 -11.90 28.55
C ARG A 267 -4.93 -12.02 29.89
N GLY A 268 -5.48 -13.19 30.21
CA GLY A 268 -6.03 -13.44 31.53
C GLY A 268 -7.22 -12.59 31.92
N ASN A 269 -8.14 -12.36 30.99
CA ASN A 269 -9.36 -11.62 31.28
C ASN A 269 -10.34 -11.85 30.14
N ILE A 270 -11.54 -11.30 30.28
CA ILE A 270 -12.61 -11.40 29.30
C ILE A 270 -12.81 -10.01 28.69
N MET A 271 -12.79 -9.95 27.37
CA MET A 271 -13.07 -8.69 26.67
C MET A 271 -14.49 -8.76 26.10
N TRP A 272 -15.29 -7.75 26.44
CA TRP A 272 -16.71 -7.75 26.10
C TRP A 272 -16.91 -7.04 24.77
N GLU A 273 -17.44 -7.76 23.79
CA GLU A 273 -17.75 -7.20 22.49
C GLU A 273 -19.25 -6.92 22.43
N ASN A 274 -19.61 -5.66 22.29
CA ASN A 274 -21.00 -5.24 22.20
C ASN A 274 -21.27 -4.69 20.81
N GLU A 275 -22.37 -5.12 20.21
CA GLU A 275 -22.76 -4.70 18.87
C GLU A 275 -24.18 -4.19 18.91
N PHE A 276 -24.42 -3.07 18.23
CA PHE A 276 -25.73 -2.44 18.17
C PHE A 276 -26.10 -2.16 16.74
N ARG A 277 -27.26 -2.64 16.31
CA ARG A 277 -27.80 -2.36 14.99
C ARG A 277 -29.17 -1.72 15.14
N TYR A 278 -29.38 -0.61 14.44
CA TYR A 278 -30.60 0.16 14.55
C TYR A 278 -31.09 0.56 13.17
N LEU A 279 -32.31 1.08 13.13
CA LEU A 279 -32.90 1.58 11.88
C LEU A 279 -33.94 2.62 12.26
N SER A 280 -33.59 3.89 12.08
CA SER A 280 -34.46 5.01 12.37
C SER A 280 -34.91 5.66 11.07
N GLN A 281 -35.64 6.76 11.18
CA GLN A 281 -36.08 7.48 9.99
C GLN A 281 -34.89 8.01 9.19
N ALA A 282 -33.84 8.46 9.89
CA ALA A 282 -32.67 8.97 9.20
C ALA A 282 -31.99 7.88 8.39
N GLY A 283 -31.83 6.69 8.97
CA GLY A 283 -31.18 5.60 8.25
C GLY A 283 -30.81 4.48 9.20
N ALA A 284 -29.88 3.64 8.73
CA ALA A 284 -29.43 2.47 9.48
C ALA A 284 -27.93 2.56 9.73
N GLY A 285 -27.51 2.04 10.88
CA GLY A 285 -26.11 2.09 11.24
C GLY A 285 -25.77 0.99 12.23
N LEU A 286 -24.50 0.95 12.61
CA LEU A 286 -23.97 -0.05 13.52
C LEU A 286 -23.07 0.61 14.55
N MET A 287 -23.13 0.12 15.79
CA MET A 287 -22.25 0.57 16.86
C MET A 287 -21.55 -0.63 17.46
N GLU A 288 -20.24 -0.54 17.63
CA GLU A 288 -19.44 -1.61 18.20
C GLU A 288 -18.55 -1.05 19.30
N LEU A 289 -18.46 -1.76 20.42
CA LEU A 289 -17.66 -1.32 21.55
C LEU A 289 -17.05 -2.55 22.21
N ASP A 290 -15.76 -2.78 21.96
CA ASP A 290 -15.00 -3.82 22.64
C ASP A 290 -14.28 -3.21 23.83
N TYR A 291 -14.19 -3.96 24.92
CA TYR A 291 -13.62 -3.42 26.16
C TYR A 291 -12.94 -4.54 26.93
N LEU A 292 -11.63 -4.43 27.10
CA LEU A 292 -10.87 -5.35 27.92
C LEU A 292 -10.47 -4.64 29.21
N PRO A 293 -11.04 -5.02 30.36
CA PRO A 293 -10.78 -4.26 31.59
C PRO A 293 -9.31 -4.21 31.99
N SER A 294 -8.54 -5.26 31.71
CA SER A 294 -7.13 -5.27 32.06
C SER A 294 -6.43 -6.30 31.19
N ASP A 295 -5.26 -5.93 30.68
CA ASP A 295 -4.46 -6.80 29.83
C ASP A 295 -3.16 -7.13 30.54
N LYS A 296 -2.80 -8.41 30.56
CA LYS A 296 -1.59 -8.87 31.21
C LYS A 296 -0.37 -8.81 30.30
N VAL A 297 -0.54 -9.16 29.03
CA VAL A 297 0.56 -9.07 28.08
C VAL A 297 0.94 -7.61 27.83
N TYR A 298 -0.06 -6.73 27.82
CA TYR A 298 0.21 -5.31 27.57
C TYR A 298 1.08 -4.71 28.66
N GLU A 299 0.90 -5.14 29.91
CA GLU A 299 1.70 -4.60 31.00
C GLU A 299 3.17 -4.93 30.82
N ASP A 300 3.47 -6.16 30.37
CA ASP A 300 4.86 -6.54 30.15
C ASP A 300 5.43 -5.90 28.90
N GLU A 301 4.64 -5.82 27.82
CA GLU A 301 5.16 -5.30 26.57
C GLU A 301 5.29 -3.78 26.58
N HIS A 302 4.44 -3.08 27.32
CA HIS A 302 4.43 -1.62 27.35
C HIS A 302 4.47 -1.14 28.79
N PRO A 303 5.65 -1.16 29.42
CA PRO A 303 5.73 -0.75 30.83
C PRO A 303 5.43 0.72 31.06
N ASN A 304 5.61 1.58 30.06
CA ASN A 304 5.46 3.02 30.30
C ASN A 304 4.02 3.38 30.62
N ASP A 305 3.05 2.75 29.95
CA ASP A 305 1.65 3.07 30.19
C ASP A 305 1.23 2.65 31.59
N ASP A 306 0.48 3.53 32.25
CA ASP A 306 0.06 3.27 33.63
C ASP A 306 -1.09 2.27 33.71
N SER A 307 -2.02 2.33 32.76
CA SER A 307 -3.19 1.47 32.77
C SER A 307 -3.16 0.55 31.56
N SER A 308 -3.76 -0.63 31.71
CA SER A 308 -3.76 -1.65 30.68
C SER A 308 -5.15 -1.91 30.10
N ARG A 309 -6.03 -0.92 30.17
CA ARG A 309 -7.33 -1.04 29.52
C ARG A 309 -7.15 -1.02 28.00
N ARG A 310 -7.88 -1.89 27.31
CA ARG A 310 -7.91 -1.92 25.86
C ARG A 310 -9.36 -1.84 25.41
N TRP A 311 -9.69 -0.83 24.60
CA TRP A 311 -11.05 -0.66 24.10
C TRP A 311 -11.01 -0.12 22.69
N LEU A 312 -12.11 -0.31 21.97
CA LEU A 312 -12.27 0.21 20.62
C LEU A 312 -13.74 0.54 20.41
N PHE A 313 -14.00 1.73 19.87
CA PHE A 313 -15.35 2.16 19.56
C PHE A 313 -15.46 2.39 18.05
N TYR A 314 -16.47 1.79 17.44
CA TYR A 314 -16.71 1.93 16.01
C TYR A 314 -18.18 2.26 15.79
N TRP A 315 -18.43 3.33 15.04
CA TRP A 315 -19.79 3.74 14.71
C TRP A 315 -19.89 3.91 13.20
N ASN A 316 -20.94 3.33 12.62
CA ASN A 316 -21.23 3.44 11.21
C ASN A 316 -22.63 4.00 11.03
N HIS A 317 -22.85 4.66 9.90
CA HIS A 317 -24.16 5.22 9.62
C HIS A 317 -24.34 5.33 8.12
N SER A 318 -25.61 5.40 7.71
CA SER A 318 -25.98 5.57 6.31
C SER A 318 -27.47 5.90 6.26
N GLY A 319 -27.82 6.88 5.44
CA GLY A 319 -29.21 7.27 5.31
C GLY A 319 -29.48 8.10 4.08
N VAL A 320 -30.50 7.70 3.31
CA VAL A 320 -30.87 8.44 2.11
C VAL A 320 -32.17 9.18 2.38
N MET A 321 -32.07 10.41 2.87
CA MET A 321 -33.25 11.24 3.07
C MET A 321 -33.86 11.58 1.71
N ASP A 322 -35.19 11.56 1.66
CA ASP A 322 -35.92 11.70 0.40
C ASP A 322 -35.43 10.67 -0.60
N GLN A 323 -34.84 11.12 -1.70
CA GLN A 323 -34.24 10.20 -2.65
C GLN A 323 -32.94 10.76 -3.22
N VAL A 324 -32.38 11.83 -2.66
CA VAL A 324 -31.18 12.46 -3.19
C VAL A 324 -30.10 12.60 -2.12
N TRP A 325 -30.45 13.17 -0.97
CA TRP A 325 -29.47 13.41 0.08
C TRP A 325 -28.95 12.09 0.63
N ARG A 326 -27.68 12.07 1.01
CA ARG A 326 -27.03 10.90 1.55
C ARG A 326 -26.09 11.32 2.67
N PHE A 327 -26.13 10.61 3.79
CA PHE A 327 -25.27 10.88 4.93
C PHE A 327 -24.52 9.61 5.30
N ASN A 328 -23.24 9.75 5.64
CA ASN A 328 -22.40 8.63 6.00
C ASN A 328 -21.49 9.01 7.15
N VAL A 329 -21.29 8.07 8.08
CA VAL A 329 -20.40 8.25 9.21
C VAL A 329 -19.53 7.01 9.32
N ASP A 330 -18.22 7.21 9.55
CA ASP A 330 -17.28 6.12 9.76
C ASP A 330 -16.35 6.53 10.88
N TYR A 331 -16.69 6.14 12.11
CA TYR A 331 -16.00 6.59 13.30
C TYR A 331 -15.25 5.42 13.93
N THR A 332 -13.98 5.64 14.27
CA THR A 332 -13.17 4.64 14.93
C THR A 332 -12.24 5.30 15.92
N LYS A 333 -12.12 4.70 17.10
CA LYS A 333 -11.21 5.19 18.13
C LYS A 333 -10.67 3.98 18.90
N VAL A 334 -9.39 4.04 19.24
CA VAL A 334 -8.74 2.97 20.00
C VAL A 334 -7.98 3.59 21.16
N SER A 335 -7.71 2.76 22.17
CA SER A 335 -7.08 3.24 23.39
C SER A 335 -5.59 3.52 23.19
N ASP A 336 -4.90 2.64 22.48
CA ASP A 336 -3.45 2.68 22.37
C ASP A 336 -3.06 2.44 20.92
N PRO A 337 -1.86 2.89 20.52
CA PRO A 337 -1.43 2.66 19.13
C PRO A 337 -1.25 1.21 18.75
N SER A 338 -1.13 0.31 19.73
CA SER A 338 -0.89 -1.10 19.47
C SER A 338 -2.15 -1.95 19.54
N TYR A 339 -3.33 -1.32 19.51
CA TYR A 339 -4.57 -2.09 19.56
C TYR A 339 -4.79 -2.85 18.26
N PHE A 340 -4.62 -2.18 17.12
CA PHE A 340 -4.92 -2.82 15.84
C PHE A 340 -4.01 -4.01 15.59
N ASN A 341 -2.73 -3.90 15.94
CA ASN A 341 -1.81 -5.00 15.76
C ASN A 341 -2.15 -6.17 16.69
N ASP A 342 -2.50 -5.87 17.93
CA ASP A 342 -2.70 -6.92 18.93
C ASP A 342 -3.95 -7.75 18.63
N PHE A 343 -5.06 -7.08 18.34
CA PHE A 343 -6.35 -7.74 18.22
C PHE A 343 -6.85 -7.74 16.78
N ASP A 344 -7.56 -8.80 16.43
CA ASP A 344 -8.19 -8.91 15.11
C ASP A 344 -9.64 -8.44 15.25
N ASN A 345 -9.80 -7.12 15.27
CA ASN A 345 -11.12 -6.53 15.45
C ASN A 345 -12.03 -6.87 14.28
N LYS A 346 -13.27 -7.25 14.60
CA LYS A 346 -14.25 -7.54 13.55
C LYS A 346 -14.58 -6.28 12.76
N TYR A 347 -14.80 -5.17 13.45
CA TYR A 347 -15.10 -3.89 12.82
C TYR A 347 -14.04 -2.87 13.22
N GLY A 348 -13.77 -1.94 12.33
CA GLY A 348 -12.79 -0.91 12.59
C GLY A 348 -11.86 -0.68 11.42
N SER A 349 -11.65 0.57 11.06
CA SER A 349 -10.82 0.95 9.91
C SER A 349 -9.59 1.70 10.40
N SER A 350 -8.42 1.24 9.97
CA SER A 350 -7.16 1.89 10.28
C SER A 350 -6.45 2.26 8.98
N THR A 351 -6.04 3.51 8.87
CA THR A 351 -5.30 4.00 7.72
C THR A 351 -3.92 4.45 8.17
N ASP A 352 -2.89 3.82 7.65
CA ASP A 352 -1.49 4.08 8.03
C ASP A 352 -1.27 3.89 9.51
N GLY A 353 -2.04 3.01 10.14
CA GLY A 353 -1.94 2.77 11.56
C GLY A 353 -2.76 3.70 12.43
N TYR A 354 -3.49 4.64 11.84
CA TYR A 354 -4.32 5.57 12.59
C TYR A 354 -5.79 5.22 12.44
N ALA A 355 -6.56 5.47 13.48
CA ALA A 355 -8.01 5.31 13.42
C ALA A 355 -8.63 6.55 12.80
N THR A 356 -9.47 6.35 11.79
CA THR A 356 -10.01 7.44 10.99
C THR A 356 -11.47 7.69 11.33
N GLN A 357 -11.83 8.96 11.49
CA GLN A 357 -13.20 9.40 11.70
C GLN A 357 -13.63 10.21 10.49
N LYS A 358 -14.57 9.69 9.71
CA LYS A 358 -14.95 10.27 8.44
C LYS A 358 -16.46 10.55 8.42
N PHE A 359 -16.82 11.75 7.98
CA PHE A 359 -18.20 12.15 7.77
C PHE A 359 -18.37 12.66 6.35
N SER A 360 -19.58 12.54 5.80
CA SER A 360 -19.81 12.99 4.45
C SER A 360 -21.29 13.25 4.23
N VAL A 361 -21.59 14.26 3.42
CA VAL A 361 -22.95 14.57 2.98
C VAL A 361 -22.92 14.71 1.47
N GLY A 362 -23.81 14.01 0.79
CA GLY A 362 -23.82 14.00 -0.66
C GLY A 362 -25.19 14.22 -1.24
N TYR A 363 -25.23 14.93 -2.36
CA TYR A 363 -26.42 15.14 -3.15
C TYR A 363 -26.15 14.67 -4.57
N ALA A 364 -27.04 13.85 -5.12
CA ALA A 364 -26.79 13.25 -6.42
C ALA A 364 -28.09 13.18 -7.21
N VAL A 365 -28.09 13.77 -8.40
CA VAL A 365 -29.16 13.60 -9.38
C VAL A 365 -28.51 13.07 -10.65
N GLN A 366 -29.30 12.96 -11.72
CA GLN A 366 -28.80 12.36 -12.95
C GLN A 366 -27.60 13.12 -13.50
N ASN A 367 -27.58 14.43 -13.34
CA ASN A 367 -26.54 15.26 -13.95
C ASN A 367 -25.67 16.01 -12.95
N PHE A 368 -26.15 16.29 -11.76
CA PHE A 368 -25.43 17.11 -10.80
C PHE A 368 -25.09 16.30 -9.56
N ASN A 369 -23.81 16.33 -9.17
CA ASN A 369 -23.34 15.71 -7.95
C ASN A 369 -22.66 16.75 -7.07
N ALA A 370 -22.91 16.66 -5.77
CA ALA A 370 -22.22 17.51 -4.80
C ALA A 370 -21.94 16.70 -3.55
N THR A 371 -20.71 16.75 -3.06
CA THR A 371 -20.30 15.96 -1.91
C THR A 371 -19.30 16.75 -1.09
N VAL A 372 -19.55 16.85 0.22
CA VAL A 372 -18.64 17.48 1.17
C VAL A 372 -18.33 16.48 2.26
N SER A 373 -17.05 16.30 2.57
CA SER A 373 -16.63 15.29 3.52
C SER A 373 -15.40 15.78 4.28
N THR A 374 -15.19 15.21 5.47
CA THR A 374 -14.01 15.48 6.28
C THR A 374 -13.50 14.18 6.88
N LYS A 375 -12.18 14.04 6.95
CA LYS A 375 -11.55 12.87 7.52
C LYS A 375 -10.45 13.30 8.48
N GLN A 376 -10.38 12.65 9.64
CA GLN A 376 -9.40 12.98 10.66
C GLN A 376 -8.71 11.71 11.13
N PHE A 377 -7.58 11.90 11.80
CA PHE A 377 -6.78 10.80 12.33
C PHE A 377 -6.69 10.89 13.84
N GLN A 378 -6.55 9.75 14.49
CA GLN A 378 -6.28 9.68 15.92
C GLN A 378 -4.79 9.39 16.07
N VAL A 379 -4.03 10.42 16.41
CA VAL A 379 -2.57 10.35 16.45
C VAL A 379 -2.12 10.28 17.90
N PHE A 380 -1.22 9.35 18.19
CA PHE A 380 -0.61 9.22 19.50
C PHE A 380 0.83 9.73 19.45
N SER A 381 1.38 10.00 20.64
CA SER A 381 2.71 10.57 20.72
C SER A 381 3.80 9.58 20.35
N GLU A 382 3.48 8.30 20.24
CA GLU A 382 4.47 7.28 19.90
C GLU A 382 4.50 6.93 18.42
N GLN A 383 3.74 7.64 17.58
CA GLN A 383 3.67 7.36 16.16
C GLN A 383 4.25 8.52 15.38
N ASN A 384 5.12 8.22 14.41
CA ASN A 384 5.79 9.24 13.62
C ASN A 384 5.43 9.19 12.15
N THR A 385 4.45 8.37 11.77
CA THR A 385 4.09 8.25 10.36
C THR A 385 3.45 9.55 9.86
N SER A 386 3.80 9.95 8.65
CA SER A 386 3.26 11.14 8.02
C SER A 386 2.10 10.75 7.12
N SER A 387 0.98 11.46 7.26
CA SER A 387 -0.19 11.22 6.44
C SER A 387 -0.99 12.50 6.33
N TYR A 388 -1.61 12.71 5.18
CA TYR A 388 -2.42 13.89 4.93
C TYR A 388 -3.90 13.53 4.99
N SER A 389 -4.71 14.49 5.43
CA SER A 389 -6.15 14.32 5.51
C SER A 389 -6.82 15.54 4.90
N ALA A 390 -8.04 15.33 4.40
CA ALA A 390 -8.82 16.38 3.76
C ALA A 390 -9.89 16.85 4.74
N GLU A 391 -9.66 18.02 5.34
CA GLU A 391 -10.59 18.60 6.31
C GLU A 391 -10.88 20.04 5.93
N PRO A 392 -11.92 20.29 5.13
CA PRO A 392 -12.81 19.33 4.49
C PRO A 392 -12.53 19.20 3.00
N GLN A 393 -13.31 18.40 2.27
CA GLN A 393 -13.15 18.23 0.84
C GLN A 393 -14.51 18.34 0.18
N LEU A 394 -14.58 19.12 -0.90
CA LEU A 394 -15.81 19.35 -1.62
C LEU A 394 -15.63 18.98 -3.08
N ASP A 395 -16.56 18.18 -3.62
CA ASP A 395 -16.52 17.75 -5.00
C ASP A 395 -17.84 18.11 -5.67
N VAL A 396 -17.76 18.73 -6.85
CA VAL A 396 -18.93 19.13 -7.62
C VAL A 396 -18.78 18.65 -9.05
N ASN A 397 -19.80 17.99 -9.57
CA ASN A 397 -19.83 17.50 -10.93
C ASN A 397 -21.10 17.97 -11.62
N TYR A 398 -21.00 18.23 -12.92
CA TYR A 398 -22.16 18.66 -13.69
C TYR A 398 -21.98 18.23 -15.14
N TYR A 399 -22.91 17.42 -15.64
CA TYR A 399 -22.89 16.94 -17.01
C TYR A 399 -24.08 17.49 -17.77
N GLN A 400 -23.81 18.12 -18.91
CA GLN A 400 -24.88 18.60 -19.79
C GLN A 400 -24.46 18.30 -21.22
N ASN A 401 -25.19 17.41 -21.87
CA ASN A 401 -24.89 16.98 -23.23
C ASN A 401 -25.93 17.53 -24.19
N ASP A 402 -25.77 17.19 -25.47
CA ASP A 402 -26.64 17.66 -26.54
C ASP A 402 -26.68 19.19 -26.59
N VAL A 403 -25.53 19.82 -26.37
CA VAL A 403 -25.41 21.28 -26.54
C VAL A 403 -25.03 21.49 -28.01
N GLY A 404 -26.05 21.51 -28.85
CA GLY A 404 -25.84 21.46 -30.28
C GLY A 404 -25.21 20.14 -30.66
N PRO A 405 -24.02 20.19 -31.28
CA PRO A 405 -23.29 18.96 -31.57
C PRO A 405 -22.31 18.51 -30.49
N PHE A 406 -22.03 19.34 -29.49
CA PHE A 406 -21.04 19.06 -28.48
C PHE A 406 -21.67 18.52 -27.21
N ASP A 407 -20.82 18.06 -26.30
CA ASP A 407 -21.20 17.72 -24.94
C ASP A 407 -20.36 18.55 -23.98
N THR A 408 -20.87 18.75 -22.76
CA THR A 408 -20.24 19.63 -21.80
C THR A 408 -20.21 18.96 -20.43
N ARG A 409 -19.12 19.16 -19.70
CA ARG A 409 -18.98 18.59 -18.36
C ARG A 409 -18.07 19.49 -17.53
N ILE A 410 -18.55 19.89 -16.35
CA ILE A 410 -17.81 20.74 -15.44
C ILE A 410 -17.43 19.93 -14.20
N TYR A 411 -16.21 20.12 -13.72
CA TYR A 411 -15.75 19.47 -12.50
C TYR A 411 -14.99 20.48 -11.66
N GLY A 412 -15.27 20.51 -10.35
CA GLY A 412 -14.59 21.41 -9.45
C GLY A 412 -14.35 20.74 -8.11
N GLN A 413 -13.37 21.26 -7.39
CA GLN A 413 -13.01 20.67 -6.11
C GLN A 413 -12.25 21.68 -5.26
N ALA A 414 -12.61 21.75 -3.98
CA ALA A 414 -11.91 22.55 -2.99
C ALA A 414 -11.56 21.64 -1.81
N VAL A 415 -10.31 21.71 -1.35
CA VAL A 415 -9.82 20.78 -0.34
C VAL A 415 -8.77 21.48 0.50
N HIS A 416 -8.66 21.05 1.76
CA HIS A 416 -7.66 21.57 2.69
C HIS A 416 -6.86 20.39 3.24
N PHE A 417 -5.54 20.45 3.09
CA PHE A 417 -4.65 19.36 3.48
C PHE A 417 -3.97 19.70 4.80
N VAL A 418 -4.10 18.80 5.77
CA VAL A 418 -3.45 18.95 7.08
C VAL A 418 -2.74 17.65 7.40
N ASN A 419 -1.48 17.74 7.82
CA ASN A 419 -0.68 16.57 8.12
C ASN A 419 -0.77 16.22 9.60
N THR A 420 -0.42 14.97 9.91
CA THR A 420 -0.38 14.53 11.30
C THR A 420 0.83 15.07 12.05
N ARG A 421 1.77 15.70 11.36
CA ARG A 421 2.96 16.28 11.96
C ARG A 421 2.93 17.80 11.83
N ASP A 422 3.66 18.46 12.73
CA ASP A 422 3.64 19.91 12.82
C ASP A 422 4.67 20.59 11.94
N ASP A 423 5.51 19.82 11.23
CA ASP A 423 6.53 20.40 10.38
C ASP A 423 6.27 20.22 8.89
N MET A 424 5.28 19.42 8.51
CA MET A 424 4.96 19.25 7.11
C MET A 424 4.06 20.39 6.62
N PRO A 425 4.13 20.74 5.35
CA PRO A 425 3.36 21.88 4.84
C PRO A 425 1.86 21.58 4.81
N GLU A 426 1.06 22.64 4.83
CA GLU A 426 -0.37 22.57 4.64
C GLU A 426 -0.76 23.46 3.46
N ALA A 427 -1.87 23.12 2.81
CA ALA A 427 -2.27 23.85 1.62
C ALA A 427 -3.78 23.83 1.48
N THR A 428 -4.28 24.81 0.72
CA THR A 428 -5.68 24.88 0.31
C THR A 428 -5.72 24.96 -1.20
N ARG A 429 -6.37 23.99 -1.84
CA ARG A 429 -6.35 23.84 -3.28
C ARG A 429 -7.76 23.97 -3.83
N VAL A 430 -7.92 24.80 -4.86
CA VAL A 430 -9.19 24.96 -5.57
C VAL A 430 -8.95 24.61 -7.03
N HIS A 431 -9.80 23.76 -7.59
CA HIS A 431 -9.61 23.22 -8.92
C HIS A 431 -10.89 23.40 -9.73
N LEU A 432 -10.72 23.73 -11.02
CA LEU A 432 -11.83 23.84 -11.95
C LEU A 432 -11.42 23.19 -13.27
N GLU A 433 -12.35 22.49 -13.91
CA GLU A 433 -12.03 21.66 -15.06
C GLU A 433 -13.21 21.58 -16.01
N PRO A 434 -13.43 22.61 -16.83
CA PRO A 434 -14.45 22.52 -17.87
C PRO A 434 -13.99 21.68 -19.05
N THR A 435 -14.88 20.85 -19.57
CA THR A 435 -14.59 19.97 -20.68
C THR A 435 -15.67 20.08 -21.74
N ILE A 436 -15.28 19.89 -22.99
CA ILE A 436 -16.21 19.92 -24.11
C ILE A 436 -15.67 19.04 -25.22
N ASN A 437 -16.50 18.13 -25.72
CA ASN A 437 -16.08 17.18 -26.73
C ASN A 437 -17.12 17.08 -27.84
N LEU A 438 -16.68 16.63 -29.01
CA LEU A 438 -17.52 16.48 -30.19
C LEU A 438 -17.42 15.03 -30.66
N PRO A 439 -18.33 14.17 -30.21
CA PRO A 439 -18.25 12.75 -30.60
C PRO A 439 -18.94 12.47 -31.91
N LEU A 440 -18.19 11.95 -32.89
CA LEU A 440 -18.73 11.57 -34.19
C LEU A 440 -18.59 10.08 -34.36
N SER A 441 -19.67 9.42 -34.78
CA SER A 441 -19.69 7.97 -34.89
C SER A 441 -20.28 7.58 -36.24
N ASN A 442 -19.94 6.37 -36.67
CA ASN A 442 -20.37 5.82 -37.95
C ASN A 442 -20.71 4.36 -37.76
N ASN A 443 -21.02 3.68 -38.86
CA ASN A 443 -21.29 2.25 -38.78
C ASN A 443 -20.01 1.44 -38.60
N TRP A 444 -18.90 1.93 -39.15
CA TRP A 444 -17.64 1.20 -39.13
C TRP A 444 -16.54 1.88 -38.32
N GLY A 445 -16.67 3.16 -38.00
CA GLY A 445 -15.62 3.86 -37.28
C GLY A 445 -16.18 5.01 -36.48
N SER A 446 -15.31 5.61 -35.67
CA SER A 446 -15.70 6.72 -34.81
C SER A 446 -14.48 7.55 -34.47
N ILE A 447 -14.69 8.85 -34.31
CA ILE A 447 -13.64 9.77 -33.92
C ILE A 447 -14.22 10.74 -32.89
N ASN A 448 -13.43 11.05 -31.85
CA ASN A 448 -13.87 11.89 -30.75
C ASN A 448 -12.80 12.93 -30.47
N THR A 449 -13.18 14.21 -30.56
CA THR A 449 -12.27 15.32 -30.30
C THR A 449 -12.72 16.03 -29.04
N GLU A 450 -11.79 16.25 -28.12
CA GLU A 450 -12.12 16.83 -26.82
C GLU A 450 -11.12 17.91 -26.46
N ALA A 451 -11.62 19.03 -25.93
CA ALA A 451 -10.80 20.13 -25.43
C ALA A 451 -11.15 20.36 -23.97
N LYS A 452 -10.14 20.50 -23.14
CA LYS A 452 -10.32 20.62 -21.70
C LYS A 452 -9.37 21.68 -21.14
N PHE A 453 -9.83 22.40 -20.13
CA PHE A 453 -9.05 23.44 -19.48
C PHE A 453 -8.88 23.10 -18.00
N LEU A 454 -7.65 23.26 -17.50
CA LEU A 454 -7.33 22.96 -16.12
C LEU A 454 -6.86 24.23 -15.42
N ALA A 455 -7.49 24.55 -14.29
CA ALA A 455 -7.13 25.72 -13.51
C ALA A 455 -7.08 25.33 -12.05
N THR A 456 -5.95 25.58 -11.40
CA THR A 456 -5.74 25.21 -10.01
C THR A 456 -5.08 26.36 -9.26
N HIS A 457 -5.55 26.61 -8.04
CA HIS A 457 -5.01 27.66 -7.19
C HIS A 457 -4.56 27.05 -5.88
N TYR A 458 -3.36 27.41 -5.44
CA TYR A 458 -2.77 26.87 -4.21
C TYR A 458 -2.56 27.98 -3.20
N GLN A 459 -2.52 27.59 -1.93
CA GLN A 459 -2.23 28.50 -0.82
C GLN A 459 -1.51 27.66 0.24
N GLN A 460 -0.18 27.69 0.20
CA GLN A 460 0.64 26.84 1.03
C GLN A 460 1.18 27.61 2.23
N THR A 461 1.07 27.01 3.40
CA THR A 461 1.60 27.58 4.64
C THR A 461 2.49 26.56 5.31
N ASN A 462 3.06 26.95 6.46
CA ASN A 462 3.99 26.10 7.21
C ASN A 462 5.21 25.72 6.38
N LEU A 463 5.66 26.62 5.52
CA LEU A 463 6.78 26.35 4.62
C LEU A 463 8.09 26.90 5.18
N ASP A 464 8.44 26.44 6.38
CA ASP A 464 9.70 26.83 7.00
C ASP A 464 10.65 25.66 7.18
N TRP A 465 10.18 24.57 7.81
CA TRP A 465 11.04 23.41 8.00
C TRP A 465 11.46 22.80 6.68
N TYR A 466 10.54 22.71 5.72
CA TYR A 466 10.89 22.19 4.41
C TYR A 466 11.81 23.15 3.66
N ASN A 467 11.50 24.45 3.70
CA ASN A 467 12.28 25.43 2.95
C ASN A 467 13.72 25.51 3.45
N SER A 468 13.90 25.41 4.77
CA SER A 468 15.25 25.51 5.33
C SER A 468 16.13 24.35 4.86
N ARG A 469 15.58 23.14 4.82
CA ARG A 469 16.35 21.94 4.53
C ARG A 469 16.35 21.55 3.05
N ASN A 470 15.76 22.37 2.18
CA ASN A 470 15.70 22.06 0.76
C ASN A 470 16.10 23.27 -0.06
N THR A 471 16.68 23.00 -1.22
CA THR A 471 17.16 24.07 -2.09
C THR A 471 16.00 24.75 -2.84
N THR A 472 14.99 23.98 -3.21
CA THR A 472 13.85 24.51 -3.97
C THR A 472 12.78 24.96 -2.99
N LYS A 473 12.48 26.26 -2.99
CA LYS A 473 11.54 26.82 -2.04
C LYS A 473 10.12 26.68 -2.57
N LEU A 474 9.19 26.35 -1.67
CA LEU A 474 7.78 26.30 -2.02
C LEU A 474 7.17 27.70 -1.93
N ASP A 475 6.44 28.08 -2.96
CA ASP A 475 5.80 29.39 -3.00
C ASP A 475 4.50 29.35 -2.19
N GLU A 476 4.15 30.51 -1.64
CA GLU A 476 2.94 30.60 -0.84
C GLU A 476 1.69 30.48 -1.71
N SER A 477 1.65 31.22 -2.81
CA SER A 477 0.51 31.24 -3.72
C SER A 477 0.97 30.79 -5.10
N VAL A 478 0.36 29.71 -5.60
CA VAL A 478 0.69 29.15 -6.91
C VAL A 478 -0.58 29.04 -7.72
N ASN A 479 -0.55 29.53 -8.96
CA ASN A 479 -1.67 29.40 -9.88
C ASN A 479 -1.20 28.60 -11.09
N ARG A 480 -1.83 27.46 -11.33
CA ARG A 480 -1.48 26.58 -12.43
C ARG A 480 -2.61 26.57 -13.44
N VAL A 481 -2.30 26.90 -14.70
CA VAL A 481 -3.28 26.95 -15.78
C VAL A 481 -2.70 26.23 -16.98
N MET A 482 -3.42 25.21 -17.47
CA MET A 482 -3.00 24.45 -18.62
C MET A 482 -4.23 24.09 -19.45
N PRO A 483 -4.18 24.24 -20.77
CA PRO A 483 -5.22 23.62 -21.61
C PRO A 483 -4.88 22.18 -21.93
N GLN A 484 -5.76 21.48 -22.63
CA GLN A 484 -5.48 20.11 -23.04
C GLN A 484 -6.28 19.78 -24.29
N PHE A 485 -5.62 19.18 -25.27
CA PHE A 485 -6.26 18.79 -26.53
C PHE A 485 -6.04 17.32 -26.76
N LYS A 486 -7.12 16.60 -27.09
CA LYS A 486 -7.05 15.16 -27.30
C LYS A 486 -7.93 14.77 -28.47
N VAL A 487 -7.39 13.95 -29.38
CA VAL A 487 -8.14 13.43 -30.51
C VAL A 487 -8.02 11.91 -30.49
N ASP A 488 -9.16 11.23 -30.53
CA ASP A 488 -9.21 9.77 -30.47
C ASP A 488 -9.97 9.25 -31.69
N GLY A 489 -9.45 8.20 -32.30
CA GLY A 489 -10.08 7.62 -33.47
C GLY A 489 -10.07 6.10 -33.39
N LYS A 490 -10.98 5.50 -34.16
CA LYS A 490 -11.11 4.05 -34.18
C LYS A 490 -11.80 3.62 -35.47
N MET A 491 -11.34 2.51 -36.04
CA MET A 491 -11.95 1.91 -37.21
C MET A 491 -12.06 0.42 -37.00
N VAL A 492 -13.00 -0.21 -37.69
CA VAL A 492 -13.22 -1.64 -37.55
C VAL A 492 -13.38 -2.26 -38.94
N PHE A 493 -12.60 -3.28 -39.23
CA PHE A 493 -12.74 -4.10 -40.42
C PHE A 493 -13.23 -5.49 -40.01
N GLU A 494 -13.69 -6.26 -40.98
CA GLU A 494 -14.17 -7.60 -40.70
C GLU A 494 -13.97 -8.48 -41.92
N ARG A 495 -13.92 -9.79 -41.68
CA ARG A 495 -13.63 -10.77 -42.71
C ARG A 495 -14.29 -12.09 -42.35
N ASP A 496 -14.77 -12.79 -43.37
CA ASP A 496 -15.41 -14.09 -43.19
C ASP A 496 -14.35 -15.18 -43.25
N MET A 497 -13.99 -15.71 -42.09
CA MET A 497 -12.93 -16.72 -41.98
C MET A 497 -13.46 -18.05 -42.49
N GLU A 498 -13.18 -18.36 -43.76
CA GLU A 498 -13.68 -19.58 -44.38
C GLU A 498 -12.63 -20.67 -44.53
N MET A 499 -11.35 -20.32 -44.66
CA MET A 499 -10.30 -21.33 -44.76
C MET A 499 -10.20 -22.15 -43.47
N LEU A 500 -10.34 -21.49 -42.33
CA LEU A 500 -10.53 -22.20 -41.06
C LEU A 500 -12.00 -22.54 -40.88
N ALA A 501 -12.41 -22.88 -39.66
CA ALA A 501 -13.78 -23.26 -39.33
C ALA A 501 -14.79 -22.34 -40.00
N PRO A 502 -15.78 -22.89 -40.70
CA PRO A 502 -16.71 -22.05 -41.47
C PRO A 502 -17.71 -21.35 -40.57
N GLY A 503 -18.23 -20.23 -41.10
CA GLY A 503 -19.19 -19.43 -40.38
C GLY A 503 -18.60 -18.48 -39.36
N TYR A 504 -17.28 -18.44 -39.22
CA TYR A 504 -16.63 -17.57 -38.25
C TYR A 504 -16.26 -16.25 -38.89
N THR A 505 -16.17 -15.21 -38.07
CA THR A 505 -15.87 -13.86 -38.53
C THR A 505 -14.67 -13.32 -37.77
N GLN A 506 -13.72 -12.75 -38.49
CA GLN A 506 -12.53 -12.14 -37.90
C GLN A 506 -12.56 -10.64 -38.12
N THR A 507 -12.22 -9.88 -37.08
CA THR A 507 -12.27 -8.42 -37.13
C THR A 507 -10.89 -7.84 -36.87
N LEU A 508 -10.68 -6.63 -37.37
CA LEU A 508 -9.46 -5.86 -37.14
C LEU A 508 -9.87 -4.45 -36.73
N GLU A 509 -9.35 -3.99 -35.59
CA GLU A 509 -9.79 -2.74 -34.97
C GLU A 509 -8.60 -1.84 -34.67
N PRO A 510 -8.09 -1.12 -35.66
CA PRO A 510 -7.04 -0.13 -35.40
C PRO A 510 -7.56 1.01 -34.55
N ARG A 511 -6.66 1.60 -33.78
CA ARG A 511 -7.02 2.71 -32.90
C ARG A 511 -5.81 3.62 -32.72
N ALA A 512 -6.04 4.93 -32.83
CA ALA A 512 -4.97 5.91 -32.64
C ALA A 512 -5.50 7.06 -31.80
N GLN A 513 -4.59 7.68 -31.05
CA GLN A 513 -4.96 8.78 -30.18
C GLN A 513 -3.81 9.77 -30.08
N TYR A 514 -4.11 11.06 -30.13
CA TYR A 514 -3.13 12.11 -29.98
C TYR A 514 -3.48 12.97 -28.78
N LEU A 515 -2.50 13.27 -27.93
CA LEU A 515 -2.70 14.03 -26.72
C LEU A 515 -1.66 15.14 -26.63
N TYR A 516 -2.11 16.33 -26.25
CA TYR A 516 -1.21 17.48 -26.09
C TYR A 516 -1.51 18.19 -24.79
N VAL A 517 -0.49 18.39 -23.96
CA VAL A 517 -0.59 19.17 -22.73
C VAL A 517 0.65 20.06 -22.62
N PRO A 518 0.50 21.36 -22.40
CA PRO A 518 1.67 22.23 -22.29
C PRO A 518 2.45 21.94 -21.01
N TYR A 519 3.70 22.38 -21.01
CA TYR A 519 4.59 22.18 -19.87
C TYR A 519 4.57 23.40 -18.96
N ARG A 520 4.33 23.16 -17.67
CA ARG A 520 4.39 24.19 -16.64
C ARG A 520 5.19 23.67 -15.47
N ASP A 521 6.11 24.49 -14.94
CA ASP A 521 6.94 24.07 -13.83
C ASP A 521 6.10 23.91 -12.57
N GLN A 522 6.22 22.75 -11.92
CA GLN A 522 5.47 22.44 -10.72
C GLN A 522 6.39 22.10 -9.56
N SER A 523 7.58 22.69 -9.53
CA SER A 523 8.51 22.42 -8.44
C SER A 523 8.11 23.17 -7.17
N ASP A 524 7.42 24.30 -7.31
CA ASP A 524 7.01 25.09 -6.15
C ASP A 524 5.72 24.58 -5.52
N ILE A 525 5.13 23.53 -6.06
CA ILE A 525 3.94 22.91 -5.50
C ILE A 525 4.35 21.62 -4.83
N TYR A 526 4.13 21.51 -3.52
CA TYR A 526 4.44 20.28 -2.82
C TYR A 526 3.51 19.17 -3.28
N ASN A 527 4.01 17.93 -3.22
CA ASN A 527 3.25 16.76 -3.65
C ASN A 527 2.46 16.22 -2.47
N TYR A 528 1.15 16.49 -2.46
CA TYR A 528 0.29 16.00 -1.38
C TYR A 528 -0.37 14.68 -1.77
N ASP A 529 -1.01 14.63 -2.94
CA ASP A 529 -1.68 13.41 -3.43
C ASP A 529 -1.38 13.25 -4.92
N SER A 530 -0.28 12.58 -5.22
CA SER A 530 0.09 12.36 -6.62
C SER A 530 1.13 11.26 -6.68
N SER A 531 0.79 10.15 -7.33
CA SER A 531 1.70 9.02 -7.50
C SER A 531 1.68 8.58 -8.95
N LEU A 532 2.81 8.06 -9.41
CA LEU A 532 2.90 7.59 -10.79
C LEU A 532 2.02 6.36 -10.99
N LEU A 533 1.40 6.29 -12.16
CA LEU A 533 0.44 5.25 -12.49
C LEU A 533 1.10 4.18 -13.35
N GLN A 534 1.01 2.93 -12.91
CA GLN A 534 1.42 1.81 -13.74
C GLN A 534 0.38 1.56 -14.83
N SER A 535 0.86 1.11 -15.99
CA SER A 535 0.02 1.03 -17.17
C SER A 535 0.07 -0.37 -17.78
N ASP A 536 -1.03 -0.73 -18.44
CA ASP A 536 -1.16 -1.94 -19.24
C ASP A 536 -1.58 -1.51 -20.65
N TYR A 537 -1.99 -2.47 -21.47
CA TYR A 537 -2.41 -2.12 -22.82
C TYR A 537 -3.53 -1.09 -22.81
N SER A 538 -4.55 -1.33 -21.99
CA SER A 538 -5.66 -0.38 -21.90
C SER A 538 -5.23 0.95 -21.29
N GLY A 539 -4.13 0.95 -20.52
CA GLY A 539 -3.61 2.18 -19.96
C GLY A 539 -2.75 3.00 -20.89
N LEU A 540 -2.43 2.48 -22.07
CA LEU A 540 -1.66 3.25 -23.04
C LEU A 540 -2.45 4.46 -23.55
N PHE A 541 -3.77 4.42 -23.48
CA PHE A 541 -4.61 5.49 -23.97
C PHE A 541 -5.07 6.44 -22.87
N ARG A 542 -4.57 6.26 -21.65
CA ARG A 542 -4.87 7.17 -20.56
C ARG A 542 -4.26 8.54 -20.83
N ASP A 543 -4.96 9.59 -20.39
CA ASP A 543 -4.50 10.96 -20.56
C ASP A 543 -3.89 11.53 -19.29
N ARG A 544 -3.59 10.69 -18.30
CA ARG A 544 -2.98 11.12 -17.05
C ARG A 544 -1.82 10.23 -16.71
N THR A 545 -0.72 10.84 -16.24
CA THR A 545 0.44 10.10 -15.78
C THR A 545 0.48 9.89 -14.28
N TYR A 546 -0.06 10.84 -13.51
CA TYR A 546 -0.08 10.76 -12.06
C TYR A 546 -1.51 10.74 -11.56
N GLY A 547 -1.73 10.05 -10.45
CA GLY A 547 -3.04 9.99 -9.84
C GLY A 547 -3.24 11.09 -8.81
N GLY A 548 -3.89 12.16 -9.20
CA GLY A 548 -4.07 13.31 -8.33
C GLY A 548 -4.08 14.58 -9.14
N LEU A 549 -3.93 15.71 -8.44
CA LEU A 549 -3.94 17.02 -9.08
C LEU A 549 -2.66 17.81 -8.84
N ASP A 550 -1.74 17.31 -8.03
CA ASP A 550 -0.54 18.08 -7.71
C ASP A 550 0.44 18.11 -8.87
N ARG A 551 0.65 16.97 -9.53
CA ARG A 551 1.57 16.86 -10.65
C ARG A 551 0.78 16.49 -11.90
N ILE A 552 0.86 17.34 -12.91
CA ILE A 552 0.24 17.09 -14.21
C ILE A 552 1.35 17.18 -15.25
N ALA A 553 1.80 16.02 -15.72
CA ALA A 553 2.91 15.97 -16.64
C ALA A 553 2.50 16.46 -18.02
N SER A 554 3.44 17.06 -18.73
CA SER A 554 3.20 17.47 -20.11
C SER A 554 3.12 16.24 -21.01
N ALA A 555 2.54 16.42 -22.18
CA ALA A 555 2.38 15.32 -23.11
C ALA A 555 2.33 15.83 -24.54
N ASN A 556 3.17 15.25 -25.39
CA ASN A 556 3.11 15.46 -26.84
C ASN A 556 3.41 14.09 -27.45
N GLN A 557 2.36 13.32 -27.68
CA GLN A 557 2.51 11.91 -28.01
C GLN A 557 1.36 11.44 -28.87
N VAL A 558 1.56 10.30 -29.53
CA VAL A 558 0.51 9.62 -30.27
C VAL A 558 0.53 8.15 -29.88
N THR A 559 -0.63 7.62 -29.51
CA THR A 559 -0.77 6.22 -29.13
C THR A 559 -1.43 5.46 -30.27
N THR A 560 -0.93 4.25 -30.54
CA THR A 560 -1.47 3.41 -31.59
C THR A 560 -1.72 2.01 -31.04
N GLY A 561 -2.75 1.36 -31.56
CA GLY A 561 -3.09 0.02 -31.10
C GLY A 561 -3.88 -0.72 -32.14
N VAL A 562 -3.73 -2.05 -32.15
CA VAL A 562 -4.45 -2.94 -33.04
C VAL A 562 -5.04 -4.08 -32.22
N THR A 563 -6.31 -4.39 -32.44
CA THR A 563 -6.99 -5.48 -31.76
C THR A 563 -7.71 -6.33 -32.80
N SER A 564 -7.52 -7.64 -32.72
CA SER A 564 -8.15 -8.59 -33.64
C SER A 564 -8.95 -9.59 -32.82
N ARG A 565 -10.19 -9.83 -33.24
CA ARG A 565 -11.09 -10.74 -32.54
C ARG A 565 -11.64 -11.77 -33.51
N ILE A 566 -12.12 -12.88 -32.95
CA ILE A 566 -12.71 -13.95 -33.73
C ILE A 566 -14.05 -14.32 -33.10
N TYR A 567 -15.11 -14.26 -33.91
CA TYR A 567 -16.46 -14.61 -33.46
C TYR A 567 -16.90 -15.90 -34.13
N ASP A 568 -17.61 -16.74 -33.38
CA ASP A 568 -18.13 -17.98 -33.93
C ASP A 568 -19.46 -17.70 -34.64
N ASP A 569 -20.16 -18.76 -35.04
CA ASP A 569 -21.40 -18.60 -35.79
C ASP A 569 -22.53 -18.04 -34.94
N ALA A 570 -22.40 -18.07 -33.62
CA ALA A 570 -23.38 -17.49 -32.71
C ALA A 570 -23.03 -16.07 -32.31
N ALA A 571 -22.09 -15.43 -33.01
CA ALA A 571 -21.63 -14.07 -32.70
C ALA A 571 -21.12 -13.96 -31.27
N VAL A 572 -20.45 -15.02 -30.80
CA VAL A 572 -19.86 -15.06 -29.47
C VAL A 572 -18.34 -14.99 -29.63
N GLU A 573 -17.72 -14.01 -28.99
CA GLU A 573 -16.29 -13.81 -29.14
C GLU A 573 -15.52 -14.93 -28.44
N ARG A 574 -14.53 -15.49 -29.14
CA ARG A 574 -13.70 -16.56 -28.61
C ARG A 574 -12.25 -16.14 -28.39
N PHE A 575 -11.70 -15.32 -29.28
CA PHE A 575 -10.29 -14.98 -29.24
C PHE A 575 -10.13 -13.48 -29.44
N ASN A 576 -9.11 -12.90 -28.80
CA ASN A 576 -8.77 -11.50 -29.05
C ASN A 576 -7.33 -11.27 -28.63
N ILE A 577 -6.60 -10.50 -29.45
CA ILE A 577 -5.20 -10.18 -29.20
C ILE A 577 -4.99 -8.70 -29.54
N SER A 578 -4.28 -8.00 -28.67
CA SER A 578 -4.08 -6.57 -28.81
C SER A 578 -2.60 -6.21 -28.67
N VAL A 579 -2.16 -5.24 -29.46
CA VAL A 579 -0.79 -4.74 -29.42
C VAL A 579 -0.84 -3.22 -29.50
N GLY A 580 0.00 -2.55 -28.70
CA GLY A 580 -0.02 -1.09 -28.68
C GLY A 580 1.32 -0.53 -28.27
N GLN A 581 1.46 0.78 -28.47
CA GLN A 581 2.69 1.49 -28.13
C GLN A 581 2.37 2.97 -28.04
N ILE A 582 3.28 3.72 -27.40
CA ILE A 582 3.19 5.17 -27.29
C ILE A 582 4.45 5.77 -27.89
N TYR A 583 4.29 6.73 -28.79
CA TYR A 583 5.39 7.44 -29.42
C TYR A 583 5.44 8.86 -28.88
N TYR A 584 6.55 9.22 -28.24
CA TYR A 584 6.71 10.52 -27.62
C TYR A 584 7.45 11.45 -28.56
N PHE A 585 6.81 12.57 -28.92
CA PHE A 585 7.49 13.61 -29.67
C PHE A 585 8.31 14.54 -28.77
N THR A 586 8.12 14.45 -27.46
CA THR A 586 8.76 15.36 -26.53
C THR A 586 8.69 14.74 -25.15
N GLU A 587 9.79 14.85 -24.40
CA GLU A 587 9.87 14.25 -23.07
C GLU A 587 8.75 14.78 -22.18
N SER A 588 8.12 13.87 -21.43
CA SER A 588 7.05 14.24 -20.52
C SER A 588 7.68 14.72 -19.21
N ARG A 589 7.74 16.04 -19.02
CA ARG A 589 8.37 16.64 -17.86
C ARG A 589 7.31 17.22 -16.93
N THR A 590 7.41 16.87 -15.65
CA THR A 590 6.48 17.34 -14.63
C THR A 590 7.06 18.45 -13.78
N GLY A 591 8.07 19.14 -14.28
CA GLY A 591 8.70 20.23 -13.55
C GLY A 591 9.90 19.86 -12.70
N ASP A 592 9.79 18.76 -11.95
CA ASP A 592 10.87 18.33 -11.08
C ASP A 592 11.42 16.96 -11.46
N ASP A 593 10.52 15.97 -11.66
CA ASP A 593 10.83 14.58 -11.98
C ASP A 593 12.06 14.08 -11.24
N ASN A 594 12.95 13.36 -11.94
CA ASN A 594 14.19 12.92 -11.33
C ASN A 594 15.37 13.09 -12.27
N ASP A 601 17.72 9.46 -23.80
CA ASP A 601 16.58 9.63 -24.69
C ASP A 601 15.29 9.37 -23.92
N LYS A 602 14.27 10.17 -24.23
CA LYS A 602 12.93 10.01 -23.70
C LYS A 602 11.90 10.27 -24.79
N THR A 603 12.32 10.15 -26.04
CA THR A 603 11.47 10.41 -27.18
C THR A 603 11.45 9.19 -28.09
N GLY A 604 10.33 8.98 -28.77
CA GLY A 604 10.16 7.83 -29.64
C GLY A 604 9.43 6.70 -28.94
N SER A 605 9.28 5.61 -29.68
CA SER A 605 8.58 4.44 -29.17
C SER A 605 9.36 3.83 -28.01
N LEU A 606 8.83 4.00 -26.79
CA LEU A 606 9.54 3.54 -25.60
C LEU A 606 8.96 2.28 -24.99
N VAL A 607 7.64 2.10 -24.99
CA VAL A 607 7.02 0.97 -24.32
C VAL A 607 6.00 0.33 -25.26
N TRP A 608 5.91 -1.00 -25.20
CA TRP A 608 4.94 -1.76 -25.95
C TRP A 608 4.17 -2.64 -24.97
N ALA A 609 2.90 -2.91 -25.29
CA ALA A 609 2.06 -3.73 -24.43
C ALA A 609 1.23 -4.67 -25.29
N GLY A 610 0.79 -5.77 -24.67
CA GLY A 610 0.03 -6.77 -25.38
C GLY A 610 -0.99 -7.43 -24.48
N ASP A 611 -1.89 -8.17 -25.10
CA ASP A 611 -2.95 -8.87 -24.39
C ASP A 611 -3.44 -10.03 -25.23
N THR A 612 -4.06 -11.00 -24.57
CA THR A 612 -4.55 -12.19 -25.24
C THR A 612 -5.55 -12.89 -24.33
N TYR A 613 -6.63 -13.41 -24.93
CA TYR A 613 -7.62 -14.16 -24.18
C TYR A 613 -8.28 -15.14 -25.15
N TRP A 614 -7.96 -16.42 -25.01
CA TRP A 614 -8.51 -17.46 -25.86
C TRP A 614 -9.47 -18.31 -25.04
N ARG A 615 -10.72 -18.41 -25.50
CA ARG A 615 -11.73 -19.24 -24.85
C ARG A 615 -11.82 -20.53 -25.65
N ILE A 616 -10.96 -21.49 -25.32
CA ILE A 616 -10.86 -22.72 -26.09
C ILE A 616 -12.17 -23.48 -26.08
N SER A 617 -12.78 -23.61 -24.91
CA SER A 617 -14.03 -24.33 -24.76
C SER A 617 -14.77 -23.75 -23.56
N GLU A 618 -15.87 -24.40 -23.17
CA GLU A 618 -16.60 -23.96 -21.99
C GLU A 618 -15.82 -24.22 -20.71
N ARG A 619 -14.79 -25.05 -20.77
CA ARG A 619 -13.99 -25.40 -19.60
C ARG A 619 -12.53 -24.97 -19.68
N TRP A 620 -12.01 -24.72 -20.88
CA TRP A 620 -10.63 -24.31 -21.06
C TRP A 620 -10.53 -22.81 -21.28
N GLY A 621 -9.47 -22.22 -20.76
CA GLY A 621 -9.24 -20.79 -20.93
C GLY A 621 -7.76 -20.50 -20.90
N LEU A 622 -7.35 -19.48 -21.66
CA LEU A 622 -5.95 -19.09 -21.76
C LEU A 622 -5.87 -17.58 -21.76
N ARG A 623 -4.94 -17.04 -20.97
CA ARG A 623 -4.79 -15.60 -20.85
C ARG A 623 -3.32 -15.24 -20.94
N GLY A 624 -3.05 -14.00 -21.36
CA GLY A 624 -1.68 -13.55 -21.50
C GLY A 624 -1.50 -12.10 -21.10
N GLY A 625 -0.39 -11.50 -21.53
CA GLY A 625 -0.09 -10.13 -21.19
C GLY A 625 1.41 -9.90 -21.12
N ILE A 626 1.89 -8.84 -21.74
CA ILE A 626 3.32 -8.57 -21.81
C ILE A 626 3.53 -7.07 -21.89
N GLN A 627 4.66 -6.61 -21.37
CA GLN A 627 5.06 -5.21 -21.44
C GLN A 627 6.52 -5.18 -21.87
N TYR A 628 6.75 -5.19 -23.18
CA TYR A 628 8.09 -5.12 -23.72
C TYR A 628 8.59 -3.69 -23.66
N ASP A 629 9.82 -3.50 -23.21
CA ASP A 629 10.40 -2.18 -23.08
C ASP A 629 11.55 -2.05 -24.06
N THR A 630 11.46 -1.07 -24.95
CA THR A 630 12.57 -0.75 -25.83
C THR A 630 13.65 -0.03 -25.03
N ARG A 631 14.70 0.41 -25.74
CA ARG A 631 15.88 1.08 -25.18
C ARG A 631 16.53 0.26 -24.08
N LEU A 632 16.06 -0.96 -23.87
CA LEU A 632 16.76 -1.98 -23.09
C LEU A 632 16.74 -3.35 -23.74
N ASP A 633 15.85 -3.63 -24.68
CA ASP A 633 15.76 -4.92 -25.36
C ASP A 633 15.52 -6.05 -24.37
N ASN A 634 14.56 -5.85 -23.47
CA ASN A 634 14.20 -6.88 -22.50
C ASN A 634 12.75 -6.70 -22.11
N VAL A 635 12.16 -7.78 -21.60
CA VAL A 635 10.76 -7.78 -21.22
C VAL A 635 10.63 -7.24 -19.80
N ALA A 636 9.75 -6.24 -19.62
CA ALA A 636 9.58 -5.64 -18.31
C ALA A 636 8.71 -6.50 -17.41
N THR A 637 7.47 -6.75 -17.82
CA THR A 637 6.56 -7.59 -17.06
C THR A 637 5.82 -8.51 -18.00
N SER A 638 5.35 -9.64 -17.47
CA SER A 638 4.56 -10.58 -18.24
C SER A 638 3.80 -11.49 -17.28
N ASN A 639 2.65 -11.97 -17.72
CA ASN A 639 1.87 -12.91 -16.94
C ASN A 639 1.02 -13.75 -17.88
N SER A 640 0.88 -15.03 -17.54
CA SER A 640 0.14 -15.98 -18.35
C SER A 640 -0.61 -16.92 -17.44
N SER A 641 -1.61 -17.59 -18.00
CA SER A 641 -2.40 -18.54 -17.21
C SER A 641 -3.24 -19.39 -18.15
N ILE A 642 -3.28 -20.69 -17.88
CA ILE A 642 -4.15 -21.63 -18.58
C ILE A 642 -4.86 -22.47 -17.53
N GLU A 643 -6.18 -22.60 -17.68
CA GLU A 643 -6.99 -23.25 -16.66
C GLU A 643 -8.04 -24.14 -17.29
N TYR A 644 -8.24 -25.32 -16.70
CA TYR A 644 -9.35 -26.20 -17.01
C TYR A 644 -10.23 -26.30 -15.78
N ARG A 645 -11.54 -26.08 -15.96
CA ARG A 645 -12.48 -26.07 -14.83
C ARG A 645 -13.80 -26.67 -15.28
N ARG A 646 -14.13 -27.85 -14.76
CA ARG A 646 -15.41 -28.48 -15.08
C ARG A 646 -16.53 -27.89 -14.25
N ASP A 647 -16.41 -27.95 -12.93
CA ASP A 647 -17.37 -27.36 -12.02
C ASP A 647 -16.60 -26.73 -10.86
N GLU A 648 -17.30 -26.42 -9.78
CA GLU A 648 -16.67 -25.72 -8.67
C GLU A 648 -15.68 -26.58 -7.89
N ASP A 649 -15.67 -27.89 -8.10
CA ASP A 649 -14.77 -28.78 -7.38
C ASP A 649 -13.68 -29.40 -8.25
N ARG A 650 -13.80 -29.33 -9.57
CA ARG A 650 -12.82 -29.90 -10.48
C ARG A 650 -12.15 -28.77 -11.26
N LEU A 651 -10.87 -28.56 -11.02
CA LEU A 651 -10.15 -27.50 -11.72
C LEU A 651 -8.65 -27.75 -11.63
N VAL A 652 -7.96 -27.37 -12.70
CA VAL A 652 -6.49 -27.36 -12.75
C VAL A 652 -6.06 -26.04 -13.37
N GLN A 653 -5.02 -25.43 -12.81
CA GLN A 653 -4.56 -24.14 -13.29
C GLN A 653 -3.03 -24.11 -13.34
N LEU A 654 -2.51 -23.27 -14.23
CA LEU A 654 -1.09 -23.00 -14.33
C LEU A 654 -0.87 -21.49 -14.41
N ASN A 655 0.26 -21.03 -13.88
CA ASN A 655 0.52 -19.61 -13.74
C ASN A 655 1.94 -19.29 -14.18
N TYR A 656 2.19 -18.01 -14.40
CA TYR A 656 3.54 -17.48 -14.56
C TYR A 656 3.49 -15.98 -14.39
N HIS A 657 4.37 -15.45 -13.54
CA HIS A 657 4.48 -14.02 -13.32
C HIS A 657 5.95 -13.63 -13.41
N TYR A 658 6.24 -12.58 -14.18
CA TYR A 658 7.61 -12.13 -14.40
C TYR A 658 7.69 -10.62 -14.22
N ALA A 659 8.83 -10.17 -13.70
CA ALA A 659 9.09 -8.74 -13.54
C ALA A 659 10.59 -8.54 -13.52
N SER A 660 11.12 -7.79 -14.47
CA SER A 660 12.55 -7.62 -14.61
C SER A 660 13.10 -6.77 -13.47
N PRO A 661 14.38 -6.95 -13.12
CA PRO A 661 14.97 -6.07 -12.09
C PRO A 661 14.95 -4.61 -12.45
N GLU A 662 15.11 -4.28 -13.74
CA GLU A 662 15.09 -2.89 -14.16
C GLU A 662 13.73 -2.25 -13.91
N TYR A 663 12.66 -2.98 -14.17
CA TYR A 663 11.32 -2.45 -13.93
C TYR A 663 11.10 -2.18 -12.44
N ILE A 664 11.54 -3.10 -11.59
CA ILE A 664 11.40 -2.92 -10.15
C ILE A 664 12.19 -1.71 -9.67
N GLN A 665 13.41 -1.56 -10.18
CA GLN A 665 14.21 -0.40 -9.82
C GLN A 665 13.57 0.89 -10.29
N ALA A 666 12.96 0.87 -11.49
CA ALA A 666 12.36 2.07 -12.06
C ALA A 666 11.07 2.50 -11.37
N THR A 667 10.24 1.57 -10.93
CA THR A 667 8.93 1.91 -10.37
C THR A 667 8.91 1.95 -8.85
N LEU A 668 9.45 0.94 -8.20
CA LEU A 668 9.37 0.81 -6.74
C LEU A 668 10.33 1.79 -6.07
N PRO A 669 10.14 2.04 -4.75
CA PRO A 669 11.04 2.96 -4.05
C PRO A 669 12.53 2.63 -4.18
N LYS A 670 13.37 3.59 -3.79
CA LYS A 670 14.80 3.49 -4.07
C LYS A 670 15.47 2.38 -3.26
N TYR A 671 15.02 2.17 -2.01
CA TYR A 671 15.64 1.13 -1.21
C TYR A 671 15.26 -0.27 -1.67
N TYR A 672 14.30 -0.40 -2.59
CA TYR A 672 14.00 -1.71 -3.15
C TYR A 672 15.16 -2.22 -4.00
N SER A 673 15.76 -1.35 -4.81
CA SER A 673 16.80 -1.77 -5.74
C SER A 673 18.10 -2.15 -5.05
N THR A 674 18.25 -1.86 -3.76
CA THR A 674 19.45 -2.23 -3.02
C THR A 674 19.25 -3.42 -2.10
N ALA A 675 18.03 -3.68 -1.66
CA ALA A 675 17.76 -4.81 -0.79
C ALA A 675 17.80 -6.11 -1.57
N GLU A 676 18.38 -7.14 -0.97
CA GLU A 676 18.51 -8.43 -1.64
C GLU A 676 17.17 -9.13 -1.81
N GLN A 677 16.16 -8.75 -1.05
CA GLN A 677 14.85 -9.38 -1.12
C GLN A 677 13.91 -8.71 -2.11
N TYR A 678 14.36 -7.67 -2.82
CA TYR A 678 13.52 -6.96 -3.77
C TYR A 678 14.18 -6.84 -5.13
N LYS A 679 15.52 -6.78 -5.15
CA LYS A 679 16.21 -6.32 -6.34
C LYS A 679 16.15 -7.33 -7.49
N ASN A 680 16.07 -8.62 -7.17
CA ASN A 680 16.19 -9.65 -8.21
C ASN A 680 14.97 -9.74 -9.12
N GLY A 681 13.86 -9.11 -8.77
CA GLY A 681 12.68 -9.17 -9.60
C GLY A 681 11.76 -10.30 -9.21
N ILE A 682 10.88 -10.65 -10.15
CA ILE A 682 9.87 -11.68 -9.95
C ILE A 682 9.96 -12.68 -11.10
N SER A 683 9.98 -13.97 -10.76
CA SER A 683 9.87 -15.04 -11.76
C SER A 683 9.29 -16.24 -11.03
N GLN A 684 7.99 -16.44 -11.15
CA GLN A 684 7.27 -17.38 -10.31
C GLN A 684 6.33 -18.24 -11.13
N VAL A 685 6.36 -19.55 -10.90
CA VAL A 685 5.51 -20.52 -11.58
C VAL A 685 4.63 -21.20 -10.55
N GLY A 686 3.33 -21.28 -10.84
CA GLY A 686 2.38 -21.86 -9.90
C GLY A 686 1.53 -22.92 -10.55
N ALA A 687 0.82 -23.66 -9.71
CA ALA A 687 -0.08 -24.71 -10.18
C ALA A 687 -1.10 -25.02 -9.08
N VAL A 688 -2.38 -24.96 -9.43
CA VAL A 688 -3.47 -25.20 -8.49
C VAL A 688 -4.33 -26.34 -9.02
N ALA A 689 -4.69 -27.27 -8.15
CA ALA A 689 -5.49 -28.41 -8.54
C ALA A 689 -6.53 -28.71 -7.46
N SER A 690 -7.60 -29.38 -7.88
CA SER A 690 -8.67 -29.76 -6.97
C SER A 690 -9.40 -30.97 -7.53
N ARG A 691 -9.87 -31.85 -6.65
CA ARG A 691 -10.55 -33.05 -7.07
C ARG A 691 -11.45 -33.59 -5.97
N PRO A 692 -12.73 -33.77 -6.21
CA PRO A 692 -13.68 -34.30 -5.21
C PRO A 692 -13.79 -35.83 -5.20
N ILE A 693 -12.82 -36.48 -4.55
CA ILE A 693 -12.86 -37.93 -4.44
C ILE A 693 -14.12 -38.34 -3.68
N ALA A 694 -14.78 -39.40 -4.19
CA ALA A 694 -16.07 -39.87 -3.69
C ALA A 694 -17.10 -38.76 -3.76
N ASP A 695 -18.01 -38.71 -2.78
CA ASP A 695 -19.03 -37.68 -2.75
C ASP A 695 -19.06 -36.88 -1.46
N ARG A 696 -18.17 -37.17 -0.51
CA ARG A 696 -18.10 -36.42 0.74
C ARG A 696 -16.70 -35.91 1.04
N TRP A 697 -15.78 -35.98 0.08
CA TRP A 697 -14.40 -35.57 0.28
C TRP A 697 -14.01 -34.53 -0.76
N SER A 698 -12.92 -33.83 -0.48
CA SER A 698 -12.39 -32.83 -1.40
C SER A 698 -10.92 -32.63 -1.10
N ILE A 699 -10.08 -32.74 -2.13
CA ILE A 699 -8.65 -32.56 -2.00
C ILE A 699 -8.23 -31.39 -2.90
N VAL A 700 -7.45 -30.47 -2.34
CA VAL A 700 -6.90 -29.35 -3.10
C VAL A 700 -5.42 -29.22 -2.77
N GLY A 701 -4.71 -28.53 -3.65
CA GLY A 701 -3.29 -28.30 -3.46
C GLY A 701 -2.82 -27.18 -4.35
N ALA A 702 -1.66 -26.62 -3.98
CA ALA A 702 -1.06 -25.53 -4.74
C ALA A 702 0.44 -25.53 -4.49
N TYR A 703 1.21 -25.22 -5.52
CA TYR A 703 2.66 -25.18 -5.42
C TYR A 703 3.18 -24.03 -6.27
N TYR A 704 3.87 -23.09 -5.63
CA TYR A 704 4.43 -21.93 -6.30
C TYR A 704 5.94 -21.95 -6.16
N TYR A 705 6.64 -21.76 -7.27
CA TYR A 705 8.09 -21.91 -7.34
C TYR A 705 8.70 -20.63 -7.90
N ASP A 706 9.80 -20.18 -7.30
CA ASP A 706 10.53 -19.01 -7.75
C ASP A 706 11.76 -19.47 -8.51
N THR A 707 11.70 -19.42 -9.84
CA THR A 707 12.78 -19.95 -10.67
C THR A 707 14.03 -19.10 -10.61
N ASN A 708 13.94 -17.85 -10.14
CA ASN A 708 15.13 -17.01 -10.02
C ASN A 708 16.03 -17.51 -8.89
N ALA A 709 15.45 -17.80 -7.73
CA ALA A 709 16.20 -18.25 -6.57
C ALA A 709 16.20 -19.77 -6.41
N ASN A 710 15.48 -20.49 -7.27
CA ASN A 710 15.37 -21.95 -7.18
C ASN A 710 14.85 -22.39 -5.82
N LYS A 711 13.96 -21.60 -5.24
CA LYS A 711 13.34 -21.90 -3.97
C LYS A 711 11.83 -21.72 -4.08
N GLN A 712 11.09 -22.61 -3.45
CA GLN A 712 9.63 -22.51 -3.48
C GLN A 712 9.16 -21.29 -2.70
N ALA A 713 8.01 -20.77 -3.09
CA ALA A 713 7.42 -19.60 -2.44
C ALA A 713 6.18 -19.92 -1.65
N ASP A 714 5.44 -20.96 -2.01
CA ASP A 714 4.21 -21.33 -1.32
C ASP A 714 3.91 -22.78 -1.63
N SER A 715 3.24 -23.44 -0.70
CA SER A 715 2.87 -24.85 -0.86
C SER A 715 1.71 -25.14 0.07
N MET A 716 0.66 -25.74 -0.45
CA MET A 716 -0.56 -25.96 0.31
C MET A 716 -1.13 -27.34 0.01
N LEU A 717 -1.75 -27.94 1.02
CA LEU A 717 -2.42 -29.22 0.88
C LEU A 717 -3.56 -29.28 1.88
N GLY A 718 -4.78 -29.47 1.40
CA GLY A 718 -5.94 -29.47 2.27
C GLY A 718 -6.91 -30.59 1.92
N VAL A 719 -7.53 -31.14 2.95
CA VAL A 719 -8.55 -32.18 2.81
C VAL A 719 -9.72 -31.83 3.71
N GLN A 720 -10.94 -31.97 3.19
CA GLN A 720 -12.15 -31.70 3.95
C GLN A 720 -13.15 -32.82 3.74
N TYR A 721 -13.73 -33.32 4.83
CA TYR A 721 -14.76 -34.33 4.81
C TYR A 721 -16.08 -33.67 5.19
N SER A 722 -17.00 -33.60 4.23
CA SER A 722 -18.26 -32.90 4.43
C SER A 722 -19.40 -33.91 4.63
N SER A 723 -20.17 -33.71 5.69
CA SER A 723 -21.34 -34.52 5.99
C SER A 723 -22.58 -33.64 5.99
N CYS A 724 -23.70 -34.24 6.37
CA CYS A 724 -24.98 -33.53 6.42
C CYS A 724 -25.22 -32.85 7.77
N CYS A 725 -24.34 -33.06 8.75
CA CYS A 725 -24.46 -32.41 10.04
C CYS A 725 -23.20 -31.68 10.48
N TYR A 726 -22.04 -31.98 9.90
CA TYR A 726 -20.79 -31.36 10.33
C TYR A 726 -19.79 -31.48 9.19
N ALA A 727 -18.72 -30.69 9.29
CA ALA A 727 -17.63 -30.73 8.32
C ALA A 727 -16.31 -30.62 9.06
N ILE A 728 -15.34 -31.43 8.66
CA ILE A 728 -14.01 -31.43 9.25
C ILE A 728 -13.01 -31.09 8.15
N ARG A 729 -12.14 -30.12 8.41
CA ARG A 729 -11.17 -29.66 7.43
C ARG A 729 -9.78 -29.69 8.04
N VAL A 730 -8.81 -30.22 7.29
CA VAL A 730 -7.41 -30.25 7.70
C VAL A 730 -6.60 -29.55 6.62
N GLY A 731 -5.73 -28.64 7.03
CA GLY A 731 -4.93 -27.88 6.10
C GLY A 731 -3.46 -27.89 6.49
N TYR A 732 -2.62 -27.61 5.50
CA TYR A 732 -1.19 -27.50 5.70
C TYR A 732 -0.64 -26.46 4.72
N GLU A 733 0.33 -25.68 5.16
CA GLU A 733 0.89 -24.66 4.30
C GLU A 733 2.31 -24.34 4.73
N ARG A 734 3.23 -24.29 3.76
CA ARG A 734 4.59 -23.80 3.95
C ARG A 734 4.78 -22.57 3.09
N LYS A 735 5.25 -21.49 3.70
CA LYS A 735 5.30 -20.21 3.00
C LYS A 735 6.47 -19.39 3.52
N LEU A 736 6.90 -18.43 2.70
CA LEU A 736 7.89 -17.47 3.13
C LEU A 736 7.29 -16.54 4.17
N ASN A 737 8.05 -16.22 5.21
CA ASN A 737 7.53 -15.41 6.30
C ASN A 737 8.54 -14.38 6.80
N GLY A 738 9.39 -13.87 5.92
CA GLY A 738 10.29 -12.80 6.32
C GLY A 738 11.69 -13.07 5.86
N TRP A 739 12.64 -12.35 6.48
CA TRP A 739 14.05 -12.37 6.13
C TRP A 739 14.86 -12.76 7.36
N ASP A 740 16.18 -12.81 7.18
CA ASP A 740 17.10 -13.17 8.27
C ASP A 740 18.07 -12.06 8.63
N ASN A 741 18.51 -11.27 7.64
CA ASN A 741 19.36 -10.10 7.84
C ASN A 741 20.76 -10.47 8.36
N ASP A 742 21.01 -11.76 8.59
CA ASP A 742 22.33 -12.20 9.05
C ASP A 742 23.09 -12.92 7.94
N LYS A 743 22.51 -13.97 7.37
CA LYS A 743 23.07 -14.63 6.20
C LYS A 743 22.31 -14.25 4.93
N GLN A 744 21.27 -13.43 5.06
CA GLN A 744 20.46 -12.98 3.94
C GLN A 744 19.76 -14.14 3.24
N HIS A 745 19.01 -14.94 4.00
CA HIS A 745 18.13 -15.95 3.42
C HIS A 745 16.73 -15.75 3.96
N ALA A 746 15.75 -16.21 3.18
CA ALA A 746 14.36 -16.08 3.59
C ALA A 746 14.05 -17.05 4.74
N VAL A 747 12.96 -16.76 5.44
CA VAL A 747 12.52 -17.55 6.57
C VAL A 747 11.17 -18.16 6.24
N TYR A 748 11.07 -19.48 6.39
CA TYR A 748 9.85 -20.21 6.06
C TYR A 748 9.01 -20.44 7.30
N ASP A 749 7.72 -20.66 7.09
CA ASP A 749 6.77 -20.92 8.15
C ASP A 749 5.88 -22.09 7.76
N ASN A 750 5.65 -23.00 8.70
CA ASN A 750 4.77 -24.14 8.51
C ASN A 750 3.57 -24.01 9.43
N ALA A 751 2.37 -24.18 8.88
CA ALA A 751 1.14 -24.06 9.64
C ALA A 751 0.23 -25.24 9.34
N ILE A 752 -0.36 -25.80 10.40
CA ILE A 752 -1.31 -26.90 10.29
C ILE A 752 -2.63 -26.44 10.89
N GLY A 753 -3.71 -26.56 10.12
CA GLY A 753 -5.00 -26.10 10.58
C GLY A 753 -6.04 -27.20 10.67
N PHE A 754 -6.70 -27.29 11.82
CA PHE A 754 -7.78 -28.25 12.04
C PHE A 754 -9.06 -27.46 12.32
N ASN A 755 -10.10 -27.75 11.55
CA ASN A 755 -11.34 -26.98 11.62
C ASN A 755 -12.52 -27.93 11.67
N ILE A 756 -13.47 -27.66 12.57
CA ILE A 756 -14.71 -28.41 12.68
C ILE A 756 -15.86 -27.42 12.62
N GLU A 757 -16.82 -27.68 11.74
CA GLU A 757 -17.98 -26.82 11.56
C GLU A 757 -19.24 -27.57 11.92
N LEU A 758 -20.13 -26.91 12.66
CA LEU A 758 -21.44 -27.47 13.01
C LEU A 758 -22.48 -26.73 12.18
N ARG A 759 -23.02 -27.40 11.17
CA ARG A 759 -23.93 -26.74 10.24
C ARG A 759 -25.39 -26.92 10.65
N GLY A 760 -25.87 -28.16 10.66
CA GLY A 760 -27.20 -28.47 11.15
C GLY A 760 -28.34 -27.68 10.54
N LEU A 761 -28.20 -27.27 9.28
CA LEU A 761 -29.21 -26.44 8.63
C LEU A 761 -29.71 -26.99 7.31
N SER A 762 -29.14 -28.08 6.79
CA SER A 762 -29.60 -28.71 5.55
C SER A 762 -29.60 -27.72 4.37
N SER A 763 -28.58 -26.86 4.34
CA SER A 763 -28.42 -25.91 3.24
C SER A 763 -27.71 -26.63 2.08
N ASN A 764 -27.26 -25.85 1.10
CA ASN A 764 -26.51 -26.44 -0.02
C ASN A 764 -25.23 -27.11 0.48
N TYR A 765 -24.42 -26.36 1.23
CA TYR A 765 -23.28 -26.90 1.97
C TYR A 765 -22.35 -27.71 1.06
N GLY A 766 -21.69 -26.97 0.17
CA GLY A 766 -20.77 -27.57 -0.78
C GLY A 766 -19.68 -28.37 -0.09
N LEU A 767 -18.92 -29.10 -0.92
CA LEU A 767 -17.93 -30.03 -0.42
C LEU A 767 -16.80 -29.35 0.35
N GLY A 768 -16.61 -28.05 0.14
CA GLY A 768 -15.58 -27.29 0.83
C GLY A 768 -14.60 -26.60 -0.09
N THR A 769 -14.52 -27.00 -1.36
CA THR A 769 -13.65 -26.32 -2.30
C THR A 769 -14.19 -24.92 -2.56
N GLN A 770 -13.32 -24.06 -3.08
CA GLN A 770 -13.48 -22.62 -3.28
C GLN A 770 -13.38 -21.87 -1.95
N GLU A 771 -13.31 -22.56 -0.82
CA GLU A 771 -13.03 -21.95 0.47
C GLU A 771 -11.66 -22.30 0.99
N MET A 772 -11.22 -23.54 0.76
CA MET A 772 -9.84 -23.90 1.05
C MET A 772 -8.88 -23.33 0.01
N LEU A 773 -9.29 -23.29 -1.26
CA LEU A 773 -8.42 -22.79 -2.32
C LEU A 773 -8.00 -21.35 -2.09
N ARG A 774 -8.73 -20.59 -1.29
CA ARG A 774 -8.42 -19.19 -1.01
C ARG A 774 -7.91 -19.02 0.42
N SER A 775 -7.09 -19.95 0.89
CA SER A 775 -6.59 -19.92 2.26
C SER A 775 -5.11 -19.62 2.38
N ASN A 776 -4.34 -19.75 1.31
CA ASN A 776 -2.92 -19.49 1.37
C ASN A 776 -2.64 -18.02 1.03
N ILE A 777 -1.35 -17.65 1.04
CA ILE A 777 -0.97 -16.28 0.77
C ILE A 777 -1.10 -15.91 -0.70
N LEU A 778 -1.35 -16.88 -1.57
CA LEU A 778 -1.58 -16.66 -2.99
C LEU A 778 -2.92 -17.30 -3.35
N PRO A 779 -4.03 -16.63 -3.04
CA PRO A 779 -5.35 -17.25 -3.23
C PRO A 779 -5.65 -17.52 -4.69
N TYR A 780 -6.45 -18.56 -4.91
CA TYR A 780 -6.86 -18.92 -6.26
C TYR A 780 -7.88 -17.92 -6.80
N GLN A 781 -7.81 -17.66 -8.09
CA GLN A 781 -8.79 -16.82 -8.78
C GLN A 781 -9.25 -17.54 -10.04
N ASN A 782 -10.49 -17.26 -10.44
CA ASN A 782 -11.16 -18.09 -11.44
C ASN A 782 -10.44 -18.05 -12.77
N THR A 783 -10.16 -16.85 -13.29
CA THR A 783 -9.38 -16.65 -14.51
C THR A 783 -10.10 -17.16 -15.75
N LEU A 784 -11.21 -17.86 -15.57
CA LEU A 784 -11.96 -18.40 -16.71
C LEU A 784 -13.06 -17.43 -17.12
N CYS B 19 -7.12 -11.52 -48.93
CA CYS B 19 -7.56 -10.17 -48.58
C CYS B 19 -9.05 -10.00 -48.85
N GLY B 20 -9.88 -10.64 -48.03
CA GLY B 20 -11.31 -10.50 -48.14
C GLY B 20 -11.86 -9.47 -47.18
N TRP B 21 -10.97 -8.62 -46.66
CA TRP B 21 -11.36 -7.64 -45.67
C TRP B 21 -12.31 -6.61 -46.27
N HIS B 22 -13.22 -6.12 -45.42
CA HIS B 22 -14.13 -5.06 -45.81
C HIS B 22 -14.54 -4.29 -44.57
N LEU B 23 -15.04 -3.08 -44.78
CA LEU B 23 -15.53 -2.29 -43.66
C LEU B 23 -16.73 -2.99 -43.03
N ARG B 24 -16.87 -2.83 -41.71
CA ARG B 24 -17.91 -3.54 -40.98
C ARG B 24 -19.29 -3.14 -41.49
N ASP B 25 -19.95 -4.05 -42.20
CA ASP B 25 -21.28 -3.77 -42.72
C ASP B 25 -22.33 -3.81 -41.61
N THR B 26 -22.25 -4.82 -40.75
CA THR B 26 -23.18 -4.91 -39.64
C THR B 26 -22.87 -3.83 -38.61
N THR B 27 -23.91 -3.43 -37.89
CA THR B 27 -23.80 -2.38 -36.88
C THR B 27 -23.45 -2.98 -35.52
N GLN B 28 -22.90 -2.13 -34.66
CA GLN B 28 -22.47 -2.58 -33.33
C GLN B 28 -23.66 -3.00 -32.48
N VAL B 29 -24.66 -2.15 -32.37
CA VAL B 29 -25.86 -2.40 -31.59
C VAL B 29 -27.00 -2.68 -32.57
N PRO B 30 -27.55 -3.90 -32.58
CA PRO B 30 -28.50 -4.26 -33.65
C PRO B 30 -29.70 -3.32 -33.69
N SER B 31 -30.26 -3.16 -34.89
CA SER B 31 -31.34 -2.20 -35.11
C SER B 31 -32.54 -2.45 -34.20
N THR B 32 -32.72 -3.69 -33.73
CA THR B 32 -33.75 -3.95 -32.73
C THR B 32 -33.45 -3.21 -31.43
N MET B 33 -32.17 -2.94 -31.16
CA MET B 33 -31.75 -2.30 -29.92
C MET B 33 -31.21 -0.90 -30.16
N LYS B 34 -31.66 -0.24 -31.23
CA LYS B 34 -31.26 1.14 -31.46
C LYS B 34 -31.86 2.08 -30.43
N VAL B 35 -33.08 1.80 -29.97
CA VAL B 35 -33.70 2.54 -28.88
C VAL B 35 -34.04 1.55 -27.77
N MET B 36 -33.59 1.83 -26.56
CA MET B 36 -33.77 0.89 -25.46
C MET B 36 -33.84 1.64 -24.14
N ILE B 37 -34.31 0.94 -23.11
CA ILE B 37 -34.44 1.48 -21.77
C ILE B 37 -33.31 0.95 -20.91
N LEU B 38 -32.63 1.85 -20.20
CA LEU B 38 -31.59 1.47 -19.26
C LEU B 38 -32.15 1.57 -17.84
N ASP B 39 -32.16 0.45 -17.14
CA ASP B 39 -32.69 0.37 -15.78
C ASP B 39 -31.62 -0.23 -14.87
N SER B 40 -31.49 0.33 -13.67
CA SER B 40 -30.50 -0.16 -12.72
C SER B 40 -30.93 0.21 -11.32
N GLY B 41 -30.29 -0.43 -10.33
CA GLY B 41 -30.57 -0.14 -8.94
C GLY B 41 -30.09 1.21 -8.47
N ASP B 42 -29.09 1.79 -9.13
CA ASP B 42 -28.63 3.15 -8.81
C ASP B 42 -28.35 3.87 -10.12
N PRO B 43 -29.34 4.60 -10.64
CA PRO B 43 -29.14 5.28 -11.94
C PRO B 43 -28.05 6.32 -11.93
N ASN B 44 -27.65 6.80 -10.77
CA ASN B 44 -26.60 7.81 -10.66
C ASN B 44 -25.25 7.22 -10.27
N GLY B 45 -25.11 5.90 -10.31
CA GLY B 45 -23.87 5.26 -9.94
C GLY B 45 -22.83 5.35 -11.02
N PRO B 46 -21.64 4.81 -10.72
CA PRO B 46 -20.55 4.86 -11.71
C PRO B 46 -20.74 3.91 -12.87
N LEU B 47 -21.16 2.67 -12.61
CA LEU B 47 -21.38 1.72 -13.69
C LEU B 47 -22.50 2.17 -14.61
N SER B 48 -23.58 2.68 -14.03
CA SER B 48 -24.69 3.18 -14.85
C SER B 48 -24.24 4.34 -15.72
N ARG B 49 -23.44 5.24 -15.17
CA ARG B 49 -22.91 6.35 -15.97
C ARG B 49 -22.02 5.84 -17.10
N ALA B 50 -21.16 4.86 -16.81
CA ALA B 50 -20.29 4.31 -17.84
C ALA B 50 -21.09 3.64 -18.95
N VAL B 51 -22.12 2.88 -18.58
CA VAL B 51 -22.94 2.21 -19.59
C VAL B 51 -23.70 3.24 -20.42
N ARG B 52 -24.23 4.28 -19.77
CA ARG B 52 -24.92 5.34 -20.51
C ARG B 52 -23.99 6.03 -21.49
N ASN B 53 -22.76 6.31 -21.06
CA ASN B 53 -21.79 6.96 -21.93
C ASN B 53 -21.46 6.06 -23.11
N GLN B 54 -21.24 4.76 -22.86
CA GLN B 54 -20.87 3.85 -23.92
C GLN B 54 -22.00 3.67 -24.93
N LEU B 55 -23.24 3.58 -24.44
CA LEU B 55 -24.37 3.42 -25.35
C LEU B 55 -24.57 4.65 -26.24
N ARG B 56 -24.30 5.84 -25.69
CA ARG B 56 -24.50 7.06 -26.46
C ARG B 56 -23.55 7.14 -27.65
N LEU B 57 -22.29 6.73 -27.46
CA LEU B 57 -21.32 6.80 -28.55
C LEU B 57 -21.66 5.83 -29.67
N ASN B 58 -22.54 4.87 -29.45
CA ASN B 58 -22.92 3.89 -30.45
C ASN B 58 -24.23 4.25 -31.14
N GLY B 59 -24.77 5.44 -30.90
CA GLY B 59 -25.99 5.88 -31.54
C GLY B 59 -27.28 5.46 -30.85
N VAL B 60 -27.18 4.72 -29.73
CA VAL B 60 -28.37 4.30 -29.02
C VAL B 60 -29.00 5.52 -28.34
N GLU B 61 -30.30 5.68 -28.53
CA GLU B 61 -31.05 6.77 -27.89
C GLU B 61 -31.68 6.22 -26.62
N LEU B 62 -31.21 6.70 -25.48
CA LEU B 62 -31.70 6.20 -24.20
C LEU B 62 -33.13 6.67 -23.95
N LEU B 63 -33.83 5.94 -23.10
CA LEU B 63 -35.21 6.22 -22.78
C LEU B 63 -35.42 6.16 -21.28
N ASP B 64 -36.42 6.90 -20.80
CA ASP B 64 -36.77 6.88 -19.39
C ASP B 64 -37.32 5.52 -18.99
N LYS B 65 -37.11 5.16 -17.72
CA LYS B 65 -37.57 3.86 -17.24
C LYS B 65 -39.08 3.73 -17.30
N GLU B 66 -39.81 4.79 -16.94
CA GLU B 66 -41.26 4.77 -16.90
C GLU B 66 -41.90 5.39 -18.14
N THR B 67 -41.28 5.22 -19.30
CA THR B 67 -41.79 5.80 -20.53
C THR B 67 -43.08 5.11 -20.96
N THR B 68 -43.77 5.73 -21.91
CA THR B 68 -45.06 5.24 -22.39
C THR B 68 -44.95 4.22 -23.50
N ARG B 69 -43.73 3.85 -23.90
CA ARG B 69 -43.53 2.89 -24.99
C ARG B 69 -43.20 1.52 -24.40
N LYS B 70 -44.09 0.54 -24.63
CA LYS B 70 -43.87 -0.84 -24.23
C LYS B 70 -43.35 -1.69 -25.38
N ASP B 71 -42.51 -1.12 -26.25
CA ASP B 71 -42.05 -1.84 -27.43
C ASP B 71 -40.55 -1.67 -27.66
N VAL B 72 -39.78 -1.50 -26.59
CA VAL B 72 -38.35 -1.32 -26.71
C VAL B 72 -37.63 -2.27 -25.75
N PRO B 73 -36.43 -2.74 -26.08
CA PRO B 73 -35.69 -3.61 -25.16
C PRO B 73 -35.27 -2.84 -23.92
N SER B 74 -35.12 -3.58 -22.83
CA SER B 74 -34.72 -3.01 -21.54
C SER B 74 -33.41 -3.64 -21.10
N LEU B 75 -32.44 -2.79 -20.77
CA LEU B 75 -31.14 -3.22 -20.26
C LEU B 75 -31.13 -3.02 -18.75
N ARG B 76 -31.19 -4.13 -18.00
CA ARG B 76 -31.29 -4.09 -16.55
C ARG B 76 -29.94 -4.50 -15.96
N LEU B 77 -29.22 -3.53 -15.41
CA LEU B 77 -27.94 -3.81 -14.78
C LEU B 77 -28.15 -4.52 -13.44
N GLY B 78 -27.22 -5.42 -13.12
CA GLY B 78 -27.35 -6.22 -11.91
C GLY B 78 -26.22 -5.99 -10.92
N LYS B 79 -25.90 -7.04 -10.16
CA LYS B 79 -24.89 -6.92 -9.11
C LYS B 79 -23.50 -6.78 -9.70
N VAL B 80 -22.65 -6.06 -8.98
CA VAL B 80 -21.26 -5.85 -9.36
C VAL B 80 -20.38 -6.34 -8.22
N SER B 81 -19.40 -7.19 -8.53
CA SER B 81 -18.48 -7.73 -7.55
C SER B 81 -17.06 -7.38 -7.96
N ILE B 82 -16.27 -6.91 -6.99
CA ILE B 82 -14.87 -6.55 -7.19
C ILE B 82 -14.03 -7.35 -6.22
N ALA B 83 -13.02 -8.05 -6.74
CA ALA B 83 -12.15 -8.89 -5.93
C ALA B 83 -10.69 -8.47 -6.16
N LYS B 84 -9.95 -8.29 -5.07
CA LYS B 84 -8.54 -7.97 -5.13
C LYS B 84 -7.78 -8.98 -4.29
N ASP B 85 -6.74 -9.58 -4.86
CA ASP B 85 -5.99 -10.62 -4.19
C ASP B 85 -4.53 -10.56 -4.62
N THR B 86 -3.68 -11.18 -3.80
CA THR B 86 -2.25 -11.23 -4.11
C THR B 86 -1.99 -12.15 -5.28
N ALA B 87 -1.12 -11.71 -6.20
CA ALA B 87 -0.76 -12.49 -7.38
C ALA B 87 0.64 -13.08 -7.31
N SER B 88 1.60 -12.36 -6.73
CA SER B 88 2.95 -12.88 -6.56
C SER B 88 3.58 -12.20 -5.35
N VAL B 89 4.67 -12.80 -4.86
CA VAL B 89 5.31 -12.35 -3.64
C VAL B 89 6.80 -12.12 -3.91
N PHE B 90 7.41 -11.31 -3.06
CA PHE B 90 8.85 -11.06 -3.12
C PHE B 90 9.57 -12.24 -2.47
N ARG B 91 10.88 -12.08 -2.25
CA ARG B 91 11.65 -13.16 -1.65
C ARG B 91 11.45 -13.28 -0.16
N ASN B 92 10.77 -12.31 0.48
CA ASN B 92 10.48 -12.38 1.90
C ASN B 92 9.01 -12.67 2.17
N GLY B 93 8.25 -13.04 1.15
CA GLY B 93 6.83 -13.31 1.31
C GLY B 93 5.94 -12.09 1.22
N GLN B 94 6.51 -10.89 1.09
CA GLN B 94 5.72 -9.69 0.98
C GLN B 94 5.03 -9.63 -0.38
N THR B 95 3.82 -9.07 -0.38
CA THR B 95 3.03 -8.98 -1.61
C THR B 95 3.76 -8.12 -2.64
N ALA B 96 3.89 -8.66 -3.85
CA ALA B 96 4.50 -7.94 -4.96
C ALA B 96 3.44 -7.28 -5.85
N GLU B 97 2.54 -8.07 -6.41
CA GLU B 97 1.50 -7.55 -7.29
C GLU B 97 0.13 -8.02 -6.82
N TYR B 98 -0.88 -7.24 -7.17
CA TYR B 98 -2.27 -7.57 -6.89
C TYR B 98 -2.98 -7.92 -8.18
N GLN B 99 -3.94 -8.85 -8.09
CA GLN B 99 -4.80 -9.17 -9.21
C GLN B 99 -6.22 -8.71 -8.88
N MET B 100 -6.79 -7.90 -9.76
CA MET B 100 -8.07 -7.26 -9.54
C MET B 100 -9.05 -7.74 -10.60
N ILE B 101 -10.16 -8.33 -10.16
CA ILE B 101 -11.17 -8.87 -11.06
C ILE B 101 -12.51 -8.28 -10.69
N MET B 102 -13.20 -7.71 -11.67
CA MET B 102 -14.55 -7.20 -11.50
C MET B 102 -15.49 -7.95 -12.43
N THR B 103 -16.59 -8.45 -11.89
CA THR B 103 -17.62 -9.11 -12.66
C THR B 103 -18.89 -8.28 -12.59
N VAL B 104 -19.60 -8.18 -13.72
CA VAL B 104 -20.82 -7.40 -13.83
C VAL B 104 -21.87 -8.27 -14.50
N ASN B 105 -23.05 -8.34 -13.89
CA ASN B 105 -24.16 -9.12 -14.42
C ASN B 105 -25.25 -8.18 -14.91
N ALA B 106 -25.90 -8.58 -16.01
CA ALA B 106 -26.99 -7.80 -16.56
C ALA B 106 -27.92 -8.72 -17.33
N THR B 107 -29.16 -8.26 -17.50
CA THR B 107 -30.15 -8.98 -18.28
C THR B 107 -30.79 -8.02 -19.28
N VAL B 108 -30.94 -8.48 -20.52
CA VAL B 108 -31.60 -7.73 -21.57
C VAL B 108 -32.98 -8.32 -21.80
N LEU B 109 -34.01 -7.53 -21.55
CA LEU B 109 -35.39 -7.97 -21.70
C LEU B 109 -35.92 -7.49 -23.05
N ILE B 110 -36.14 -8.43 -23.96
CA ILE B 110 -36.73 -8.14 -25.27
C ILE B 110 -38.25 -8.19 -25.10
N PRO B 111 -38.97 -7.13 -25.45
CA PRO B 111 -40.43 -7.13 -25.23
C PRO B 111 -41.12 -8.22 -26.04
N GLY B 112 -41.84 -9.10 -25.35
CA GLY B 112 -42.53 -10.19 -26.00
C GLY B 112 -41.85 -11.52 -25.82
N ARG B 113 -40.52 -11.52 -25.88
CA ARG B 113 -39.74 -12.74 -25.75
C ARG B 113 -39.15 -12.84 -24.34
N ASP B 114 -38.33 -13.86 -24.13
CA ASP B 114 -37.75 -14.11 -22.83
C ASP B 114 -36.50 -13.25 -22.61
N ILE B 115 -36.02 -13.24 -21.37
CA ILE B 115 -34.83 -12.47 -21.03
C ILE B 115 -33.58 -13.17 -21.52
N TYR B 116 -32.47 -12.43 -21.55
CA TYR B 116 -31.19 -12.95 -22.03
C TYR B 116 -30.08 -12.45 -21.12
N PRO B 117 -29.60 -13.29 -20.21
CA PRO B 117 -28.54 -12.83 -19.30
C PRO B 117 -27.21 -12.64 -20.02
N ILE B 118 -26.47 -11.61 -19.59
CA ILE B 118 -25.11 -11.37 -20.06
C ILE B 118 -24.26 -11.02 -18.85
N SER B 119 -22.95 -11.14 -19.02
CA SER B 119 -22.02 -10.84 -17.95
C SER B 119 -20.71 -10.33 -18.55
N ALA B 120 -19.96 -9.59 -17.74
CA ALA B 120 -18.66 -9.06 -18.13
C ALA B 120 -17.66 -9.32 -17.04
N LYS B 121 -16.44 -9.68 -17.43
CA LYS B 121 -15.36 -9.94 -16.49
C LYS B 121 -14.12 -9.18 -16.94
N VAL B 122 -13.53 -8.41 -16.03
CA VAL B 122 -12.40 -7.55 -16.32
C VAL B 122 -11.24 -7.93 -15.42
N PHE B 123 -10.04 -8.00 -15.98
CA PHE B 123 -8.83 -8.35 -15.25
C PHE B 123 -7.87 -7.17 -15.24
N ARG B 124 -7.22 -6.96 -14.10
CA ARG B 124 -6.26 -5.86 -13.96
C ARG B 124 -5.21 -6.27 -12.93
N SER B 125 -3.95 -6.21 -13.33
CA SER B 125 -2.82 -6.56 -12.46
C SER B 125 -1.90 -5.36 -12.32
N PHE B 126 -1.41 -5.13 -11.11
CA PHE B 126 -0.54 -3.99 -10.84
C PHE B 126 0.33 -4.30 -9.63
N PHE B 127 1.44 -3.58 -9.53
CA PHE B 127 2.35 -3.74 -8.42
C PHE B 127 1.85 -2.97 -7.20
N ASP B 128 2.24 -3.44 -6.02
CA ASP B 128 1.87 -2.79 -4.77
C ASP B 128 2.92 -1.73 -4.45
N ASN B 129 2.71 -0.54 -4.98
CA ASN B 129 3.63 0.56 -4.75
C ASN B 129 3.35 1.20 -3.40
N PRO B 130 4.30 1.24 -2.47
CA PRO B 130 4.08 1.90 -1.18
C PRO B 130 3.91 3.40 -1.38
N GLN B 131 2.77 3.92 -0.96
CA GLN B 131 2.45 5.33 -1.14
C GLN B 131 1.65 5.81 0.06
N MET B 132 1.52 7.12 0.17
CA MET B 132 0.69 7.70 1.21
C MET B 132 -0.77 7.35 0.95
N ALA B 133 -1.60 7.51 1.99
CA ALA B 133 -2.99 7.06 1.93
C ALA B 133 -3.75 7.77 0.82
N LEU B 134 -3.59 9.10 0.71
CA LEU B 134 -4.33 9.85 -0.31
C LEU B 134 -3.91 9.43 -1.71
N ALA B 135 -2.61 9.28 -1.93
CA ALA B 135 -2.12 8.87 -3.25
C ALA B 135 -2.61 7.48 -3.61
N LYS B 136 -2.57 6.55 -2.65
CA LYS B 136 -3.07 5.21 -2.91
C LYS B 136 -4.57 5.22 -3.20
N ASP B 137 -5.34 6.03 -2.47
CA ASP B 137 -6.76 6.12 -2.72
C ASP B 137 -7.05 6.65 -4.11
N ASN B 138 -6.32 7.69 -4.53
CA ASN B 138 -6.52 8.23 -5.88
C ASN B 138 -6.18 7.20 -6.94
N GLU B 139 -5.07 6.48 -6.75
CA GLU B 139 -4.69 5.45 -7.70
C GLU B 139 -5.76 4.36 -7.80
N GLN B 140 -6.26 3.91 -6.65
CA GLN B 140 -7.29 2.87 -6.66
C GLN B 140 -8.57 3.35 -7.32
N ASP B 141 -8.96 4.61 -7.06
CA ASP B 141 -10.16 5.15 -7.68
C ASP B 141 -10.02 5.20 -9.19
N MET B 142 -8.86 5.65 -9.68
CA MET B 142 -8.63 5.68 -11.12
C MET B 142 -8.69 4.27 -11.71
N ILE B 143 -8.07 3.30 -11.04
CA ILE B 143 -8.07 1.93 -11.53
C ILE B 143 -9.50 1.40 -11.62
N VAL B 144 -10.29 1.64 -10.58
CA VAL B 144 -11.66 1.12 -10.56
C VAL B 144 -12.52 1.80 -11.61
N LYS B 145 -12.30 3.10 -11.85
CA LYS B 145 -13.07 3.79 -12.88
C LYS B 145 -12.75 3.24 -14.27
N GLU B 146 -11.47 3.01 -14.55
CA GLU B 146 -11.09 2.39 -15.82
C GLU B 146 -11.69 0.99 -15.94
N MET B 147 -11.74 0.27 -14.81
CA MET B 147 -12.32 -1.06 -14.79
C MET B 147 -13.79 -1.02 -15.16
N TYR B 148 -14.53 -0.03 -14.62
CA TYR B 148 -15.93 0.14 -15.02
C TYR B 148 -16.06 0.45 -16.50
N ASP B 149 -15.19 1.31 -17.02
CA ASP B 149 -15.26 1.63 -18.45
C ASP B 149 -15.07 0.39 -19.30
N ARG B 150 -14.08 -0.43 -18.96
CA ARG B 150 -13.85 -1.65 -19.73
C ARG B 150 -14.99 -2.65 -19.58
N ALA B 151 -15.59 -2.71 -18.38
CA ALA B 151 -16.73 -3.61 -18.19
C ALA B 151 -17.92 -3.19 -19.05
N ALA B 152 -18.18 -1.88 -19.12
CA ALA B 152 -19.25 -1.41 -20.00
C ALA B 152 -18.95 -1.72 -21.45
N GLU B 153 -17.69 -1.54 -21.87
CA GLU B 153 -17.31 -1.89 -23.24
C GLU B 153 -17.57 -3.37 -23.52
N GLN B 154 -17.22 -4.24 -22.56
CA GLN B 154 -17.48 -5.66 -22.72
C GLN B 154 -18.96 -5.96 -22.81
N LEU B 155 -19.76 -5.30 -21.97
CA LEU B 155 -21.20 -5.53 -21.97
C LEU B 155 -21.83 -5.14 -23.29
N ILE B 156 -21.34 -4.06 -23.91
CA ILE B 156 -21.93 -3.63 -25.18
C ILE B 156 -21.69 -4.66 -26.27
N ARG B 157 -20.52 -5.31 -26.26
CA ARG B 157 -20.16 -6.24 -27.33
C ARG B 157 -21.00 -7.51 -27.32
N LYS B 158 -21.71 -7.81 -26.23
CA LYS B 158 -22.53 -9.01 -26.17
C LYS B 158 -23.91 -8.82 -26.79
N LEU B 159 -24.30 -7.59 -27.12
CA LEU B 159 -25.61 -7.37 -27.73
C LEU B 159 -25.80 -8.10 -29.05
N PRO B 160 -24.85 -8.11 -30.00
CA PRO B 160 -25.08 -8.89 -31.23
C PRO B 160 -25.30 -10.37 -30.98
N SER B 161 -24.70 -10.95 -29.94
CA SER B 161 -24.95 -12.35 -29.64
C SER B 161 -26.38 -12.58 -29.18
N ILE B 162 -26.98 -11.61 -28.52
CA ILE B 162 -28.36 -11.74 -28.06
C ILE B 162 -29.31 -11.70 -29.25
N ARG B 163 -29.07 -10.80 -30.20
CA ARG B 163 -29.93 -10.71 -31.38
C ARG B 163 -29.91 -12.01 -32.18
N ALA B 164 -28.73 -12.64 -32.30
CA ALA B 164 -28.64 -13.92 -32.99
C ALA B 164 -29.43 -15.00 -32.24
N ALA B 165 -29.33 -15.01 -30.91
CA ALA B 165 -30.05 -16.02 -30.14
C ALA B 165 -31.56 -15.79 -30.19
N ASP B 166 -32.01 -14.54 -30.29
CA ASP B 166 -33.42 -14.26 -30.38
C ASP B 166 -34.01 -14.83 -31.67
N ILE B 167 -33.25 -14.78 -32.76
CA ILE B 167 -33.73 -15.31 -34.04
C ILE B 167 -33.93 -16.82 -33.94
N ARG B 168 -33.03 -17.51 -33.23
CA ARG B 168 -33.15 -18.96 -33.10
C ARG B 168 -34.43 -19.36 -32.38
N SER B 169 -34.95 -18.49 -31.52
CA SER B 169 -36.18 -18.78 -30.79
C SER B 169 -37.39 -18.66 -31.70
N LEU C 22 51.30 5.95 25.70
CA LEU C 22 50.63 7.15 26.21
C LEU C 22 50.93 8.35 25.31
N ARG C 23 49.89 8.86 24.66
CA ARG C 23 50.00 10.00 23.77
C ARG C 23 49.31 11.21 24.37
N ALA C 24 49.86 12.39 24.10
CA ALA C 24 49.34 13.65 24.63
C ALA C 24 49.07 14.60 23.47
N PRO C 25 47.96 14.41 22.77
CA PRO C 25 47.65 15.29 21.64
C PRO C 25 47.33 16.70 22.09
N SER C 26 47.58 17.65 21.19
CA SER C 26 47.32 19.06 21.44
C SER C 26 46.02 19.47 20.76
N TYR C 27 45.19 20.19 21.50
CA TYR C 27 43.89 20.61 20.98
C TYR C 27 44.06 21.53 19.78
N CYS C 28 43.30 21.25 18.71
CA CYS C 28 43.35 22.05 17.50
C CYS C 28 42.04 22.79 17.25
N THR C 29 40.92 22.08 17.17
CA THR C 29 39.63 22.70 16.95
C THR C 29 38.54 21.69 17.27
N SER C 30 37.32 22.20 17.42
CA SER C 30 36.13 21.38 17.58
C SER C 30 35.06 21.88 16.62
N PHE C 31 34.31 20.94 16.04
CA PHE C 31 33.35 21.28 15.00
C PHE C 31 32.00 20.65 15.29
N ASN C 32 30.95 21.32 14.83
CA ASN C 32 29.59 20.78 14.89
C ASN C 32 28.78 21.51 13.80
N GLN C 33 28.61 20.86 12.66
CA GLN C 33 27.97 21.50 11.52
C GLN C 33 27.52 20.43 10.53
N ARG C 34 26.67 20.86 9.59
CA ARG C 34 26.17 19.97 8.56
C ARG C 34 27.19 19.84 7.43
N ALA C 35 27.13 18.70 6.74
CA ALA C 35 28.03 18.46 5.63
C ALA C 35 27.75 19.44 4.49
N GLN C 36 28.82 19.90 3.85
CA GLN C 36 28.66 20.84 2.74
C GLN C 36 28.10 20.16 1.51
N SER C 37 28.61 18.97 1.18
CA SER C 37 28.19 18.21 0.03
C SER C 37 27.49 16.93 0.47
N ASN C 38 27.13 16.10 -0.50
CA ASN C 38 26.43 14.85 -0.23
C ASN C 38 27.34 13.90 0.53
N LYS C 39 27.05 13.70 1.82
CA LYS C 39 27.81 12.80 2.69
C LYS C 39 29.31 13.15 2.69
N THR C 40 29.60 14.45 2.73
CA THR C 40 30.98 14.91 2.73
C THR C 40 31.10 16.17 3.56
N LEU C 41 31.84 16.10 4.66
CA LEU C 41 32.10 17.24 5.53
C LEU C 41 33.60 17.49 5.56
N THR C 42 33.99 18.73 5.31
CA THR C 42 35.39 19.12 5.27
C THR C 42 35.64 20.19 6.33
N ILE C 43 36.64 19.96 7.18
CA ILE C 43 37.03 20.90 8.22
C ILE C 43 38.44 21.38 7.90
N ASN C 44 38.59 22.69 7.74
CA ASN C 44 39.86 23.29 7.35
C ASN C 44 40.49 23.97 8.57
N THR C 45 41.62 23.44 9.01
CA THR C 45 42.41 24.04 10.07
C THR C 45 43.88 23.83 9.75
N PRO C 46 44.75 24.74 10.20
CA PRO C 46 46.19 24.56 9.97
C PRO C 46 46.70 23.28 10.61
N LEU C 47 47.60 22.59 9.91
CA LEU C 47 48.22 21.38 10.40
C LEU C 47 49.71 21.45 10.11
N THR C 48 50.49 20.75 10.93
CA THR C 48 51.94 20.69 10.79
C THR C 48 52.32 19.36 10.17
N ALA C 49 53.31 19.40 9.28
CA ALA C 49 53.76 18.19 8.62
C ALA C 49 54.37 17.21 9.62
N GLY C 50 54.23 15.93 9.32
CA GLY C 50 54.75 14.90 10.20
C GLY C 50 54.06 14.83 11.55
N SER C 51 52.73 14.98 11.57
CA SER C 51 51.96 14.91 12.80
C SER C 51 50.80 13.93 12.62
N GLN C 52 50.57 13.10 13.63
CA GLN C 52 49.48 12.14 13.61
C GLN C 52 48.21 12.84 14.08
N VAL C 53 47.28 13.05 13.16
CA VAL C 53 46.02 13.72 13.48
C VAL C 53 45.07 12.73 14.12
N VAL C 54 44.48 13.12 15.25
CA VAL C 54 43.53 12.27 15.97
C VAL C 54 42.19 12.98 15.98
N VAL C 55 41.15 12.28 15.53
CA VAL C 55 39.80 12.82 15.46
C VAL C 55 38.93 12.03 16.43
N ALA C 56 38.33 12.74 17.39
CA ALA C 56 37.46 12.16 18.40
C ALA C 56 36.02 12.56 18.06
N LEU C 57 35.31 11.67 17.37
CA LEU C 57 33.94 11.96 16.96
C LEU C 57 33.00 11.78 18.15
N THR C 58 32.17 12.79 18.40
CA THR C 58 31.15 12.71 19.44
C THR C 58 29.75 12.52 18.88
N ARG C 59 29.50 12.90 17.64
CA ARG C 59 28.21 12.70 16.98
C ARG C 59 28.46 12.07 15.61
N PRO C 60 28.77 10.78 15.57
CA PRO C 60 29.06 10.14 14.28
C PRO C 60 27.83 9.66 13.52
N VAL C 61 26.66 9.64 14.15
CA VAL C 61 25.45 9.14 13.51
C VAL C 61 24.39 10.22 13.53
N GLU C 62 23.52 10.20 12.52
CA GLU C 62 22.42 11.16 12.40
C GLU C 62 21.34 10.52 11.56
N VAL C 63 20.16 10.35 12.13
CA VAL C 63 19.02 9.76 11.41
C VAL C 63 18.31 10.88 10.68
N ILE C 64 18.32 10.82 9.35
CA ILE C 64 17.72 11.83 8.49
C ILE C 64 16.46 11.25 7.87
N GLU C 65 15.39 12.04 7.85
CA GLU C 65 14.14 11.64 7.21
C GLU C 65 14.18 12.07 5.75
N VAL C 66 14.32 11.10 4.86
CA VAL C 66 14.40 11.37 3.44
C VAL C 66 13.01 11.28 2.82
N PHE C 67 12.85 11.92 1.67
CA PHE C 67 11.58 11.96 0.96
C PHE C 67 11.68 11.17 -0.33
N ASP C 68 10.72 10.29 -0.58
CA ASP C 68 10.69 9.45 -1.76
C ASP C 68 9.23 9.35 -2.24
N GLN C 69 8.86 10.23 -3.16
CA GLN C 69 7.54 10.26 -3.80
C GLN C 69 6.42 10.11 -2.76
N THR C 70 6.31 11.13 -1.91
CA THR C 70 5.33 11.21 -0.83
C THR C 70 5.51 10.05 0.16
N LEU C 71 6.71 10.01 0.75
CA LEU C 71 7.04 9.02 1.77
C LEU C 71 8.19 9.58 2.59
N VAL C 72 7.98 9.74 3.89
CA VAL C 72 9.02 10.21 4.80
C VAL C 72 9.65 8.99 5.44
N ILE C 73 10.88 8.70 5.05
CA ILE C 73 11.57 7.45 5.41
C ILE C 73 12.76 7.80 6.30
N PRO C 74 12.88 7.21 7.48
CA PRO C 74 14.07 7.43 8.30
C PRO C 74 15.28 6.71 7.70
N ASP C 75 16.43 7.36 7.76
CA ASP C 75 17.64 6.81 7.19
C ASP C 75 18.86 7.21 7.99
N PRO C 76 19.53 6.28 8.67
CA PRO C 76 20.73 6.64 9.44
C PRO C 76 21.91 6.97 8.53
N PHE C 77 22.56 8.09 8.79
CA PHE C 77 23.78 8.50 8.12
C PHE C 77 24.93 8.42 9.11
N TYR C 78 25.98 7.68 8.75
CA TYR C 78 27.10 7.46 9.65
C TYR C 78 28.42 7.69 8.92
N VAL C 79 29.42 8.11 9.69
CA VAL C 79 30.74 8.39 9.13
C VAL C 79 31.44 7.08 8.79
N THR C 80 32.05 7.04 7.61
CA THR C 80 32.75 5.86 7.14
C THR C 80 34.26 6.01 7.18
N SER C 81 34.80 7.11 6.67
CA SER C 81 36.24 7.30 6.62
C SER C 81 36.58 8.74 6.98
N VAL C 82 37.79 8.93 7.50
CA VAL C 82 38.33 10.24 7.81
C VAL C 82 39.65 10.38 7.06
N THR C 83 39.72 11.35 6.16
CA THR C 83 40.87 11.52 5.29
C THR C 83 41.57 12.83 5.59
N ARG C 84 42.89 12.79 5.72
CA ARG C 84 43.68 13.98 5.98
C ARG C 84 44.06 14.62 4.63
N ASN C 85 43.62 15.87 4.42
CA ASN C 85 43.92 16.54 3.17
C ASN C 85 45.39 16.88 3.04
N GLY C 86 46.05 17.19 4.15
CA GLY C 86 47.47 17.49 4.13
C GLY C 86 47.77 18.94 4.45
N ASN C 87 48.17 19.20 5.69
CA ASN C 87 48.53 20.52 6.19
C ASN C 87 47.45 21.58 5.96
N SER C 88 46.23 21.16 5.66
CA SER C 88 45.12 22.10 5.45
C SER C 88 43.85 21.73 6.18
N GLY C 89 43.65 20.48 6.53
CA GLY C 89 42.46 20.06 7.24
C GLY C 89 42.17 18.60 6.98
N ILE C 90 40.97 18.18 7.40
CA ILE C 90 40.51 16.81 7.24
C ILE C 90 39.13 16.83 6.60
N THR C 91 38.73 15.66 6.08
CA THR C 91 37.41 15.50 5.49
C THR C 91 36.82 14.17 5.93
N LEU C 92 35.53 14.18 6.24
CA LEU C 92 34.81 12.99 6.68
C LEU C 92 33.81 12.59 5.60
N ARG C 93 33.87 11.33 5.18
CA ARG C 93 32.95 10.79 4.21
C ARG C 93 32.06 9.75 4.89
N GLY C 94 30.78 9.76 4.54
CA GLY C 94 29.86 8.85 5.19
C GLY C 94 29.00 8.05 4.23
N ASP C 95 28.00 7.36 4.77
CA ASP C 95 27.09 6.57 3.96
C ASP C 95 25.79 6.41 4.74
N ASP C 96 24.73 6.07 4.03
CA ASP C 96 23.44 5.80 4.67
C ASP C 96 23.24 4.29 4.80
N ALA C 97 22.21 3.92 5.56
CA ALA C 97 21.95 2.51 5.82
C ALA C 97 21.65 1.75 4.54
N TYR C 98 20.84 2.33 3.66
CA TYR C 98 20.41 1.65 2.45
C TYR C 98 21.22 2.04 1.22
N GLY C 99 22.06 3.07 1.31
CA GLY C 99 22.93 3.41 0.19
C GLY C 99 22.20 3.87 -1.04
N ALA C 100 20.93 4.26 -0.93
CA ALA C 100 20.14 4.68 -2.07
C ALA C 100 19.74 6.14 -2.03
N TYR C 101 19.88 6.82 -0.90
CA TYR C 101 19.43 8.19 -0.73
C TYR C 101 20.62 9.09 -0.44
N SER C 102 20.39 10.39 -0.57
CA SER C 102 21.40 11.41 -0.36
C SER C 102 20.91 12.44 0.63
N GLY C 103 21.84 13.01 1.39
CA GLY C 103 21.49 14.03 2.38
C GLY C 103 22.74 14.66 2.93
N LEU C 104 22.53 15.67 3.77
CA LEU C 104 23.62 16.38 4.43
C LEU C 104 23.52 16.15 5.93
N PRO C 105 24.29 15.23 6.49
CA PRO C 105 24.18 14.93 7.92
C PRO C 105 24.97 15.92 8.77
N GLN C 106 24.58 15.99 10.04
CA GLN C 106 25.25 16.84 11.02
C GLN C 106 26.16 15.97 11.87
N TRP C 107 27.44 16.29 11.87
CA TRP C 107 28.44 15.53 12.60
C TRP C 107 29.24 16.47 13.50
N ALA C 108 29.69 15.95 14.63
CA ALA C 108 30.43 16.74 15.59
C ALA C 108 31.62 15.94 16.10
N GLY C 109 32.63 16.65 16.59
CA GLY C 109 33.82 16.00 17.10
C GLY C 109 34.86 17.03 17.49
N VAL C 110 36.04 16.53 17.83
CA VAL C 110 37.18 17.35 18.21
C VAL C 110 38.40 16.86 17.44
N ILE C 111 39.15 17.79 16.88
CA ILE C 111 40.37 17.48 16.13
C ILE C 111 41.57 17.79 16.99
N MET C 112 42.49 16.83 17.11
CA MET C 112 43.69 16.98 17.90
C MET C 112 44.90 16.49 17.10
N GLU C 113 46.06 17.06 17.41
CA GLU C 113 47.30 16.73 16.73
C GLU C 113 48.32 16.25 17.75
N VAL C 114 49.08 15.21 17.38
CA VAL C 114 50.04 14.62 18.31
C VAL C 114 51.30 15.48 18.43
N LEU C 115 51.54 16.40 17.50
CA LEU C 115 52.64 17.37 17.63
C LEU C 115 52.10 18.79 17.65
N ALA C 139 48.76 24.53 20.28
CA ALA C 139 49.62 24.40 21.45
C ALA C 139 48.80 24.17 22.71
N LYS C 140 47.56 24.66 22.70
CA LYS C 140 46.67 24.44 23.83
C LYS C 140 46.32 22.97 23.96
N LEU C 141 46.19 22.50 25.20
CA LEU C 141 45.98 21.08 25.48
C LEU C 141 44.74 20.89 26.33
N MET C 142 44.08 19.76 26.14
CA MET C 142 42.88 19.43 26.89
C MET C 142 43.24 18.97 28.29
N THR C 143 42.40 19.33 29.25
CA THR C 143 42.65 19.01 30.65
C THR C 143 41.38 18.45 31.29
N CYS C 144 41.57 17.69 32.37
CA CYS C 144 40.46 17.10 33.11
C CYS C 144 39.79 18.19 33.93
N ARG C 145 38.62 18.63 33.49
CA ARG C 145 37.88 19.68 34.17
C ARG C 145 36.65 19.16 34.90
N TYR C 146 36.50 17.84 35.00
CA TYR C 146 35.41 17.24 35.75
C TYR C 146 35.75 15.78 36.01
N ALA C 147 35.58 15.34 37.25
CA ALA C 147 35.85 13.95 37.60
C ALA C 147 35.06 13.63 38.85
N LYS C 148 34.01 12.82 38.70
CA LYS C 148 33.15 12.47 39.82
C LYS C 148 32.41 11.19 39.50
N ARG C 149 31.93 10.52 40.53
CA ARG C 149 31.07 9.35 40.40
C ARG C 149 29.63 9.79 40.60
N VAL C 150 28.82 9.68 39.56
CA VAL C 150 27.46 10.19 39.59
C VAL C 150 26.47 9.05 39.42
N ARG C 151 25.18 9.37 39.50
CA ARG C 151 24.10 8.42 39.29
C ARG C 151 23.18 9.02 38.23
N VAL C 152 23.32 8.57 36.99
CA VAL C 152 22.51 9.10 35.91
C VAL C 152 21.15 8.41 35.91
N ASN C 153 20.09 9.19 35.96
CA ASN C 153 18.72 8.70 36.01
C ASN C 153 18.07 8.97 34.67
N GLY C 154 18.22 8.02 33.74
CA GLY C 154 17.61 8.16 32.43
C GLY C 154 18.34 9.11 31.51
N SER C 155 18.47 10.36 31.93
CA SER C 155 19.15 11.37 31.12
C SER C 155 19.70 12.45 32.04
N MET C 156 20.97 12.81 31.84
CA MET C 156 21.64 13.84 32.64
C MET C 156 22.35 14.80 31.71
N ALA C 157 22.19 16.10 31.96
CA ALA C 157 22.89 17.10 31.19
C ALA C 157 24.36 17.17 31.58
N LEU C 158 25.19 17.59 30.66
CA LEU C 158 26.62 17.65 30.91
C LEU C 158 26.92 18.78 31.90
N PRO C 159 27.56 18.49 33.04
CA PRO C 159 27.92 19.58 33.96
C PRO C 159 28.82 20.62 33.34
N VAL C 160 29.75 20.20 32.48
CA VAL C 160 30.63 21.11 31.77
C VAL C 160 30.81 20.60 30.34
N SER C 161 30.82 21.52 29.39
CA SER C 161 30.97 21.15 27.99
C SER C 161 32.34 20.55 27.74
N GLY C 162 32.37 19.48 26.95
CA GLY C 162 33.60 18.82 26.63
C GLY C 162 33.33 17.42 26.10
N VAL C 163 34.39 16.62 26.09
CA VAL C 163 34.32 15.23 25.63
C VAL C 163 34.22 14.33 26.85
N PRO C 164 33.12 13.58 27.02
CA PRO C 164 32.96 12.75 28.21
C PRO C 164 33.51 11.34 28.07
N PHE C 165 34.14 10.86 29.14
CA PHE C 165 34.60 9.50 29.25
C PHE C 165 34.02 8.90 30.52
N ALA C 166 33.69 7.61 30.49
CA ALA C 166 33.02 7.01 31.63
C ALA C 166 33.25 5.51 31.63
N ARG C 167 32.97 4.90 32.78
CA ARG C 167 32.99 3.45 32.94
C ARG C 167 31.95 3.07 33.96
N TRP C 168 31.30 1.92 33.76
CA TRP C 168 30.27 1.44 34.66
C TRP C 168 30.32 -0.08 34.69
N ASP C 169 29.32 -0.69 35.32
CA ASP C 169 29.34 -2.15 35.48
C ASP C 169 28.01 -2.83 35.20
N ASP C 170 26.91 -2.10 35.03
CA ASP C 170 25.62 -2.76 34.81
C ASP C 170 25.59 -3.42 33.43
N GLY C 171 25.17 -4.67 33.40
CA GLY C 171 25.06 -5.43 32.18
C GLY C 171 23.70 -5.42 31.52
N ASN C 172 22.76 -4.60 32.00
CA ASN C 172 21.42 -4.55 31.45
C ASN C 172 21.05 -3.19 30.86
N VAL C 173 21.97 -2.22 30.87
CA VAL C 173 21.69 -0.89 30.38
C VAL C 173 22.71 -0.52 29.30
N SER C 174 22.35 0.49 28.51
CA SER C 174 23.23 1.02 27.48
C SER C 174 23.29 2.53 27.63
N VAL C 175 24.47 3.10 27.38
CA VAL C 175 24.72 4.52 27.59
C VAL C 175 25.11 5.15 26.27
N GLY C 176 24.43 6.25 25.93
CA GLY C 176 24.74 7.02 24.74
C GLY C 176 25.05 8.47 25.10
N PHE C 177 25.24 9.27 24.05
CA PHE C 177 25.59 10.68 24.22
C PHE C 177 25.13 11.42 22.96
N ASP C 178 24.01 12.14 23.08
CA ASP C 178 23.44 12.81 21.92
C ASP C 178 24.20 14.08 21.54
N GLY C 179 25.02 14.61 22.44
CA GLY C 179 25.76 15.81 22.16
C GLY C 179 25.76 16.78 23.33
N GLY C 180 24.70 16.73 24.14
CA GLY C 180 24.62 17.58 25.30
C GLY C 180 24.19 16.85 26.56
N SER C 181 23.73 15.61 26.42
CA SER C 181 23.23 14.85 27.55
C SER C 181 23.66 13.40 27.43
N ILE C 182 23.68 12.71 28.56
CA ILE C 182 23.99 11.29 28.62
C ILE C 182 22.68 10.54 28.73
N ILE C 183 22.46 9.59 27.82
CA ILE C 183 21.21 8.85 27.72
C ILE C 183 21.44 7.43 28.19
N VAL C 184 20.68 7.00 29.19
CA VAL C 184 20.76 5.64 29.73
C VAL C 184 19.40 4.99 29.51
N ARG C 185 19.41 3.80 28.93
CA ARG C 185 18.18 3.07 28.61
C ARG C 185 18.29 1.64 29.08
N ASN C 186 17.16 0.92 29.03
CA ASN C 186 17.11 -0.49 29.38
C ASN C 186 17.30 -1.31 28.11
N ALA C 187 18.42 -2.02 28.03
CA ALA C 187 18.77 -2.75 26.83
C ALA C 187 18.23 -4.18 26.81
N SER C 188 17.67 -4.66 27.91
CA SER C 188 17.10 -6.00 27.95
C SER C 188 15.63 -6.04 27.57
N TYR C 189 15.00 -4.88 27.38
CA TYR C 189 13.57 -4.80 27.08
C TYR C 189 13.39 -4.77 25.56
N GLY C 190 12.77 -5.82 25.03
CA GLY C 190 12.52 -5.91 23.61
C GLY C 190 11.16 -5.39 23.19
N GLY C 191 10.96 -4.08 23.25
CA GLY C 191 9.69 -3.49 22.88
C GLY C 191 9.84 -2.16 22.15
N ILE C 192 8.72 -1.47 21.95
CA ILE C 192 8.72 -0.20 21.22
C ILE C 192 8.68 0.99 22.15
N ASP C 193 8.79 0.77 23.46
CA ASP C 193 8.71 1.84 24.43
C ASP C 193 10.10 2.41 24.73
N ASP C 194 10.13 3.67 25.14
CA ASP C 194 11.37 4.34 25.51
C ASP C 194 11.59 4.18 27.00
N VAL C 195 12.02 2.97 27.38
CA VAL C 195 12.19 2.64 28.79
C VAL C 195 13.56 3.11 29.25
N ALA C 196 13.58 3.97 30.25
CA ALA C 196 14.82 4.49 30.80
C ALA C 196 15.36 3.56 31.89
N ALA C 197 16.56 3.87 32.37
CA ALA C 197 17.20 3.08 33.41
C ALA C 197 18.20 3.97 34.14
N SER C 198 18.79 3.42 35.20
CA SER C 198 19.74 4.14 36.03
C SER C 198 21.04 3.35 36.14
N VAL C 199 22.14 4.08 36.23
CA VAL C 199 23.46 3.46 36.32
C VAL C 199 24.39 4.40 37.07
N ASP C 200 25.41 3.83 37.70
CA ASP C 200 26.43 4.59 38.42
C ASP C 200 27.72 4.54 37.62
N MET C 201 28.25 5.70 37.26
CA MET C 201 29.39 5.79 36.37
C MET C 201 30.41 6.78 36.93
N ASP C 202 31.66 6.59 36.53
CA ASP C 202 32.74 7.51 36.84
C ASP C 202 32.94 8.41 35.63
N LEU C 203 32.45 9.64 35.70
CA LEU C 203 32.42 10.55 34.57
C LEU C 203 33.64 11.47 34.60
N VAL C 204 34.36 11.53 33.48
CA VAL C 204 35.48 12.44 33.30
C VAL C 204 35.21 13.26 32.04
N ILE C 205 35.41 14.57 32.13
CA ILE C 205 35.13 15.48 31.03
C ILE C 205 36.37 16.32 30.74
N PHE C 206 36.78 16.35 29.48
CA PHE C 206 37.93 17.12 29.03
C PHE C 206 37.48 18.23 28.09
N ASN C 207 38.11 19.40 28.21
CA ASN C 207 37.89 20.49 27.27
C ASN C 207 39.10 21.41 27.32
N ASN C 208 38.96 22.58 26.70
CA ASN C 208 40.04 23.56 26.65
C ASN C 208 39.52 24.97 26.85
N ASN C 232 44.05 19.60 37.93
CA ASN C 232 43.80 19.21 36.54
C ASN C 232 45.03 18.57 35.91
N LYS C 233 44.78 17.58 35.05
CA LYS C 233 45.83 16.84 34.38
C LYS C 233 45.58 16.83 32.88
N PRO C 234 46.64 16.73 32.08
CA PRO C 234 46.46 16.72 30.62
C PRO C 234 45.74 15.46 30.16
N PHE C 235 45.04 15.59 29.04
CA PHE C 235 44.34 14.46 28.44
C PHE C 235 45.35 13.54 27.76
N VAL C 236 45.46 12.31 28.25
CA VAL C 236 46.39 11.33 27.72
C VAL C 236 45.59 10.08 27.36
N TYR C 237 45.76 9.60 26.13
CA TYR C 237 45.09 8.40 25.65
C TYR C 237 46.13 7.41 25.15
N ASP C 238 45.84 6.12 25.30
CA ASP C 238 46.77 5.06 24.93
C ASP C 238 46.33 4.29 23.70
N ARG C 239 45.08 3.84 23.65
CA ARG C 239 44.63 2.95 22.59
C ARG C 239 43.23 3.37 22.14
N THR C 240 42.89 2.99 20.91
CA THR C 240 41.57 3.17 20.36
C THR C 240 40.93 1.80 20.11
N ILE C 241 39.62 1.75 20.22
CA ILE C 241 38.89 0.50 20.07
C ILE C 241 37.80 0.67 19.02
N ASN C 242 37.56 -0.39 18.26
CA ASN C 242 36.49 -0.44 17.27
C ASN C 242 35.39 -1.31 17.86
N ILE C 243 34.34 -0.67 18.36
CA ILE C 243 33.26 -1.39 19.04
C ILE C 243 32.50 -2.25 18.04
N GLY C 244 31.91 -3.32 18.53
CA GLY C 244 31.21 -4.25 17.68
C GLY C 244 30.20 -5.07 18.46
N THR C 245 29.71 -6.12 17.81
CA THR C 245 28.70 -6.98 18.41
C THR C 245 29.28 -8.03 19.34
N SER C 246 30.60 -8.13 19.45
CA SER C 246 31.25 -9.10 20.33
C SER C 246 32.01 -8.37 21.43
N ASP C 247 32.05 -8.99 22.61
CA ASP C 247 32.66 -8.34 23.75
C ASP C 247 34.16 -8.14 23.53
N GLN C 248 34.65 -6.98 23.96
CA GLN C 248 36.05 -6.62 23.85
C GLN C 248 36.52 -6.07 25.18
N ASN C 249 37.46 -6.76 25.81
CA ASN C 249 37.97 -6.33 27.11
C ASN C 249 38.79 -5.06 26.96
N ILE C 250 38.60 -4.12 27.90
CA ILE C 250 39.37 -2.89 27.92
C ILE C 250 40.07 -2.66 29.26
N GLY C 251 39.98 -3.60 30.19
CA GLY C 251 40.69 -3.47 31.44
C GLY C 251 40.13 -2.36 32.31
N ASN C 252 40.98 -1.89 33.23
CA ASN C 252 40.61 -0.79 34.14
C ASN C 252 40.86 0.52 33.40
N SER C 253 39.94 0.85 32.50
CA SER C 253 40.07 2.05 31.68
C SER C 253 38.69 2.61 31.38
N LEU C 254 38.66 3.89 31.03
CA LEU C 254 37.43 4.58 30.68
C LEU C 254 37.29 4.65 29.17
N ILE C 255 36.05 4.61 28.69
CA ILE C 255 35.76 4.61 27.26
C ILE C 255 34.97 5.86 26.92
N GLN C 256 35.17 6.34 25.69
CA GLN C 256 34.48 7.53 25.23
C GLN C 256 33.00 7.25 25.03
N LEU C 257 32.17 8.25 25.33
CA LEU C 257 30.71 8.10 25.27
C LEU C 257 30.17 8.74 24.00
N SER C 258 29.43 7.95 23.23
CA SER C 258 28.74 8.43 22.03
C SER C 258 27.87 7.31 21.51
N TYR C 259 26.98 7.65 20.58
CA TYR C 259 26.20 6.63 19.88
C TYR C 259 27.13 5.80 19.00
N THR C 260 26.77 4.53 18.84
CA THR C 260 27.58 3.59 18.07
C THR C 260 26.79 2.98 16.92
N GLY C 261 25.86 3.72 16.34
CA GLY C 261 25.11 3.25 15.20
C GLY C 261 23.64 3.46 15.40
N ALA C 262 22.84 2.76 14.58
CA ALA C 262 21.40 2.85 14.63
C ALA C 262 20.81 1.50 14.27
N LEU C 263 19.54 1.32 14.62
CA LEU C 263 18.87 0.02 14.47
C LEU C 263 17.48 0.23 13.92
N ILE C 264 17.10 -0.59 12.95
CA ILE C 264 15.75 -0.63 12.41
C ILE C 264 15.27 -2.08 12.46
N GLN C 265 14.11 -2.31 13.06
CA GLN C 265 13.64 -3.67 13.26
C GLN C 265 12.12 -3.69 13.19
N ASN C 266 11.58 -4.88 12.92
CA ASN C 266 10.15 -5.11 12.85
C ASN C 266 9.65 -5.42 14.25
N ASN C 267 8.92 -4.49 14.84
CA ASN C 267 8.48 -4.63 16.23
C ASN C 267 7.07 -4.06 16.38
N GLY C 268 6.11 -4.91 16.70
CA GLY C 268 4.75 -4.46 16.97
C GLY C 268 4.06 -3.81 15.80
N GLY C 269 4.26 -4.35 14.60
CA GLY C 269 3.65 -3.75 13.42
C GLY C 269 4.18 -2.37 13.09
N TYR C 270 5.41 -2.07 13.49
CA TYR C 270 6.00 -0.76 13.28
C TYR C 270 7.41 -0.92 12.73
N ASN C 271 7.88 0.13 12.05
CA ASN C 271 9.29 0.21 11.65
C ASN C 271 10.04 0.88 12.79
N HIS C 272 10.33 0.08 13.82
CA HIS C 272 10.94 0.60 15.03
C HIS C 272 12.37 1.02 14.76
N VAL C 273 12.69 2.29 15.04
CA VAL C 273 14.01 2.85 14.84
C VAL C 273 14.59 3.22 16.20
N ARG C 274 15.80 2.74 16.49
CA ARG C 274 16.47 2.98 17.75
C ARG C 274 17.91 3.37 17.49
N MET C 275 18.50 4.08 18.45
CA MET C 275 19.92 4.36 18.43
C MET C 275 20.68 3.24 19.14
N ASN C 276 21.99 3.23 18.96
CA ASN C 276 22.84 2.21 19.56
C ASN C 276 23.78 2.88 20.55
N GLY C 277 24.01 2.21 21.68
CA GLY C 277 24.86 2.76 22.72
C GLY C 277 26.04 1.86 23.03
N ILE C 278 26.49 1.89 24.27
CA ILE C 278 27.62 1.08 24.73
C ILE C 278 27.16 0.27 25.93
N ARG C 279 27.45 -1.03 25.91
CA ARG C 279 27.14 -1.91 27.04
C ARG C 279 28.46 -2.38 27.64
N MET C 280 28.72 -1.98 28.89
CA MET C 280 29.93 -2.36 29.59
C MET C 280 29.54 -3.22 30.78
N ALA C 281 29.93 -4.50 30.74
CA ALA C 281 29.72 -5.42 31.86
C ALA C 281 31.06 -6.06 32.20
N GLY C 282 31.43 -6.03 33.47
CA GLY C 282 32.77 -6.43 33.84
C GLY C 282 33.76 -5.43 33.30
N ASN C 283 34.50 -5.82 32.25
CA ASN C 283 35.37 -4.89 31.53
C ASN C 283 35.20 -5.02 30.02
N ASN C 284 34.13 -5.65 29.58
CA ASN C 284 33.90 -5.90 28.16
C ASN C 284 32.84 -4.95 27.62
N VAL C 285 33.09 -4.39 26.44
CA VAL C 285 32.20 -3.41 25.82
C VAL C 285 31.70 -3.98 24.50
N ARG C 286 30.47 -3.62 24.14
CA ARG C 286 29.91 -3.97 22.84
C ARG C 286 28.75 -3.01 22.56
N VAL C 287 27.96 -3.33 21.54
CA VAL C 287 26.88 -2.46 21.07
C VAL C 287 25.56 -2.94 21.65
N ALA C 288 24.77 -2.01 22.17
CA ALA C 288 23.44 -2.31 22.69
C ALA C 288 22.49 -1.20 22.28
N LYS C 289 21.19 -1.53 22.24
CA LYS C 289 20.18 -0.59 21.79
C LYS C 289 20.03 0.57 22.78
N ASN C 290 19.52 1.68 22.29
CA ASN C 290 19.42 2.91 23.07
C ASN C 290 18.10 3.59 22.73
N ARG C 291 18.02 4.88 23.03
CA ARG C 291 16.78 5.65 22.95
C ARG C 291 16.09 5.48 21.60
N VAL C 292 14.77 5.62 21.62
CA VAL C 292 13.93 5.40 20.46
C VAL C 292 13.87 6.66 19.62
N ILE C 293 14.03 6.52 18.31
CA ILE C 293 13.91 7.67 17.41
C ILE C 293 12.47 7.86 16.95
N GLY C 294 11.78 6.79 16.57
CA GLY C 294 10.40 6.91 16.16
C GLY C 294 9.86 5.57 15.73
N ASN C 295 8.54 5.51 15.59
CA ASN C 295 7.83 4.31 15.15
C ASN C 295 7.02 4.66 13.91
N TYR C 296 7.25 3.92 12.84
CA TYR C 296 6.58 4.15 11.56
C TYR C 296 5.80 2.89 11.20
N SER C 297 4.52 3.04 10.92
CA SER C 297 3.64 1.89 10.70
C SER C 297 4.06 1.13 9.44
N ARG C 298 4.00 -0.19 9.53
CA ARG C 298 4.24 -1.06 8.38
C ARG C 298 3.05 -1.10 7.44
N GLN C 299 1.92 -0.53 7.83
CA GLN C 299 0.77 -0.45 6.94
C GLN C 299 1.03 0.52 5.80
N GLN C 300 1.94 1.48 5.99
CA GLN C 300 2.31 2.40 4.92
C GLN C 300 3.42 1.81 4.05
N PHE C 301 4.55 1.48 4.67
CA PHE C 301 5.67 0.88 3.95
C PHE C 301 6.46 0.01 4.90
N GLN C 302 7.14 -0.99 4.34
CA GLN C 302 7.95 -1.93 5.11
C GLN C 302 9.40 -1.78 4.72
N MET C 303 10.27 -1.65 5.72
CA MET C 303 11.69 -1.42 5.49
C MET C 303 12.50 -2.64 5.90
N PRO C 304 13.55 -2.98 5.15
CA PRO C 304 14.43 -4.08 5.56
C PRO C 304 15.11 -3.75 6.87
N GLY C 305 15.33 -4.78 7.69
CA GLY C 305 15.98 -4.58 8.97
C GLY C 305 17.44 -4.21 8.80
N LYS C 306 17.91 -3.31 9.65
CA LYS C 306 19.29 -2.87 9.63
C LYS C 306 19.80 -2.74 11.06
N ASN C 307 21.03 -3.20 11.29
CA ASN C 307 21.73 -3.03 12.56
C ASN C 307 23.15 -2.60 12.24
N ILE C 308 23.48 -1.36 12.55
CA ILE C 308 24.71 -0.74 12.10
C ILE C 308 25.58 -0.41 13.32
N ALA C 309 26.83 -0.83 13.27
CA ALA C 309 27.85 -0.39 14.20
C ALA C 309 28.87 0.44 13.42
N VAL C 310 29.10 1.66 13.86
CA VAL C 310 29.94 2.58 13.09
C VAL C 310 31.38 2.05 13.08
N PRO C 311 32.11 2.17 11.98
CA PRO C 311 33.50 1.70 11.95
C PRO C 311 34.49 2.64 12.60
N THR C 312 34.07 3.85 12.96
CA THR C 312 35.01 4.81 13.55
C THR C 312 35.44 4.34 14.94
N PRO C 313 36.69 4.58 15.32
CA PRO C 313 37.17 4.11 16.62
C PRO C 313 36.70 4.99 17.76
N LEU C 314 36.76 4.43 18.97
CA LEU C 314 36.43 5.12 20.20
C LEU C 314 37.67 5.19 21.07
N LEU C 315 37.98 6.38 21.58
CA LEU C 315 39.17 6.55 22.40
C LEU C 315 39.01 5.85 23.74
N VAL C 316 40.12 5.36 24.27
CA VAL C 316 40.16 4.72 25.58
C VAL C 316 41.29 5.37 26.38
N ILE C 317 41.00 5.74 27.62
CA ILE C 317 41.98 6.42 28.47
C ILE C 317 42.18 5.63 29.75
N PRO C 318 43.35 5.69 30.37
CA PRO C 318 43.56 4.95 31.63
C PRO C 318 42.79 5.58 32.78
N ASN C 319 42.52 4.74 33.78
CA ASN C 319 41.76 5.16 34.95
C ASN C 319 42.68 5.82 35.99
N MET C 320 43.33 6.89 35.56
CA MET C 320 44.22 7.66 36.43
C MET C 320 43.63 9.01 36.82
N TYR C 321 42.32 9.18 36.70
CA TYR C 321 41.67 10.43 37.03
C TYR C 321 40.71 10.27 38.20
#